data_1PZY
#
_entry.id   1PZY
#
_cell.length_a   55.292
_cell.length_b   98.747
_cell.length_c   102.788
_cell.angle_alpha   90.00
_cell.angle_beta   103.92
_cell.angle_gamma   90.00
#
_symmetry.space_group_name_H-M   'P 1 21 1'
#
loop_
_entity.id
_entity.type
_entity.pdbx_description
1 polymer ALPHA-LACTALBUMIN
2 polymer BETA-1,4-GALACTOSYLTRANSFERASE
3 non-polymer 'CALCIUM ION'
4 non-polymer 2-acetamido-2-deoxy-beta-D-glucopyranose
5 non-polymer 'MANGANESE (II) ION'
6 non-polymer "URIDINE-5'-DIPHOSPHATE"
7 water water
#
loop_
_entity_poly.entity_id
_entity_poly.type
_entity_poly.pdbx_seq_one_letter_code
_entity_poly.pdbx_strand_id
1 'polypeptide(L)'
;TELTKCKVSHAIKDIDGYQGISLLEWACVLFHTSGYDTQAVVNDNGSTEYGLFQISDRFWCKSSEFPESENICGISCDKL
LDDELDDDIACAKKILAIKGIDYWKAYKPMCSEKLEQWRCEKP
;
A,C
2 'polypeptide(L)'
;ASMTGGQQMGRGSSLTACPEESPLLVGPMLIEFNIPVDLKLVEQQNPKVKLGGRYTPMDCISPHKVAIIIPFRNRQEHLK
YWLYYLHPILQRQQLDYGIYVINQAGESMFNRAKLLNVGFKEALKDYDYNCFVFSDVDLIPMNDHNTYRCFSQPRHISVA
MDKFGFSLPYVQYFGGVSALSKQQFLSINGFPNNYWGAGGEDDDIYNRLAFRGMSVSRPNAVIGKTRMIRHSRDKKNEPN
PQRFDRIAHTKETMLSDGLNSLTYMVLEVQRYPLYTKITVDIGTPS
;
B,D
#
# COMPACT_ATOMS: atom_id res chain seq x y z
N THR A 1 21.42 -21.54 -46.80
CA THR A 1 21.35 -22.75 -45.94
C THR A 1 21.51 -22.36 -44.47
N GLU A 2 20.61 -22.85 -43.63
CA GLU A 2 20.65 -22.54 -42.19
C GLU A 2 21.40 -23.60 -41.41
N LEU A 3 22.71 -23.40 -41.26
CA LEU A 3 23.55 -24.35 -40.55
C LEU A 3 23.28 -24.41 -39.05
N THR A 4 23.99 -25.30 -38.37
CA THR A 4 23.86 -25.47 -36.93
C THR A 4 25.19 -25.10 -36.29
N LYS A 5 25.16 -24.81 -35.00
CA LYS A 5 26.35 -24.44 -34.26
C LYS A 5 27.52 -25.37 -34.58
N CYS A 6 27.30 -26.67 -34.44
CA CYS A 6 28.35 -27.63 -34.72
C CYS A 6 28.82 -27.56 -36.17
N LYS A 7 27.89 -27.50 -37.11
CA LYS A 7 28.25 -27.41 -38.51
C LYS A 7 29.14 -26.20 -38.76
N VAL A 8 28.82 -25.09 -38.11
CA VAL A 8 29.59 -23.87 -38.26
C VAL A 8 30.97 -24.00 -37.61
N SER A 9 30.98 -24.46 -36.37
CA SER A 9 32.22 -24.61 -35.63
C SER A 9 33.23 -25.42 -36.42
N HIS A 10 32.77 -26.51 -37.04
CA HIS A 10 33.64 -27.36 -37.84
C HIS A 10 34.10 -26.63 -39.10
N ALA A 11 33.15 -26.05 -39.83
CA ALA A 11 33.44 -25.32 -41.06
C ALA A 11 34.49 -24.22 -40.94
N ILE A 12 34.42 -23.42 -39.88
CA ILE A 12 35.38 -22.32 -39.69
C ILE A 12 36.60 -22.70 -38.84
N LYS A 13 36.88 -23.99 -38.74
CA LYS A 13 38.00 -24.47 -37.96
C LYS A 13 39.29 -23.67 -38.18
N ASP A 14 39.59 -23.34 -39.43
CA ASP A 14 40.81 -22.63 -39.75
C ASP A 14 40.92 -21.19 -39.25
N ILE A 15 39.85 -20.65 -38.68
CA ILE A 15 39.94 -19.27 -38.20
C ILE A 15 40.20 -19.25 -36.69
N ASP A 16 40.12 -20.43 -36.09
CA ASP A 16 40.33 -20.60 -34.65
C ASP A 16 41.62 -19.97 -34.11
N GLY A 17 41.47 -19.10 -33.12
CA GLY A 17 42.61 -18.44 -32.51
C GLY A 17 43.19 -17.27 -33.28
N TYR A 18 42.73 -17.08 -34.50
CA TYR A 18 43.23 -15.97 -35.30
C TYR A 18 42.82 -14.67 -34.63
N GLN A 19 43.77 -13.76 -34.47
CA GLN A 19 43.50 -12.48 -33.84
C GLN A 19 42.99 -12.69 -32.42
N GLY A 20 43.29 -13.88 -31.87
CA GLY A 20 42.88 -14.19 -30.52
C GLY A 20 41.40 -14.43 -30.29
N ILE A 21 40.68 -14.87 -31.31
CA ILE A 21 39.25 -15.16 -31.17
C ILE A 21 39.05 -16.67 -31.29
N SER A 22 38.45 -17.26 -30.27
CA SER A 22 38.23 -18.71 -30.26
C SER A 22 37.01 -19.11 -31.07
N LEU A 23 36.84 -20.42 -31.28
CA LEU A 23 35.68 -20.90 -32.01
C LEU A 23 34.41 -20.67 -31.19
N LEU A 24 34.54 -20.73 -29.86
CA LEU A 24 33.38 -20.50 -29.02
C LEU A 24 32.87 -19.10 -29.29
N GLU A 25 33.77 -18.12 -29.26
CA GLU A 25 33.41 -16.73 -29.50
C GLU A 25 32.77 -16.56 -30.89
N TRP A 26 33.35 -17.22 -31.91
CA TRP A 26 32.80 -17.10 -33.25
C TRP A 26 31.41 -17.70 -33.38
N ALA A 27 31.22 -18.88 -32.78
CA ALA A 27 29.92 -19.55 -32.82
C ALA A 27 28.88 -18.61 -32.26
N CYS A 28 29.27 -17.90 -31.20
CA CYS A 28 28.40 -16.93 -30.57
C CYS A 28 28.16 -15.76 -31.52
N VAL A 29 29.25 -15.23 -32.06
CA VAL A 29 29.18 -14.10 -32.98
C VAL A 29 28.35 -14.39 -34.21
N LEU A 30 28.62 -15.52 -34.87
CA LEU A 30 27.87 -15.83 -36.06
C LEU A 30 26.40 -16.07 -35.80
N PHE A 31 26.03 -16.70 -34.67
CA PHE A 31 24.61 -16.90 -34.42
C PHE A 31 23.88 -15.57 -34.41
N HIS A 32 24.38 -14.63 -33.61
CA HIS A 32 23.75 -13.32 -33.52
C HIS A 32 23.85 -12.48 -34.81
N THR A 33 24.95 -12.64 -35.55
CA THR A 33 25.19 -11.89 -36.78
C THR A 33 24.28 -12.28 -37.94
N SER A 34 24.11 -13.58 -38.17
CA SER A 34 23.29 -14.04 -39.29
C SER A 34 22.43 -15.25 -38.97
N GLY A 35 22.40 -15.66 -37.71
CA GLY A 35 21.63 -16.82 -37.35
C GLY A 35 22.12 -18.05 -38.08
N TYR A 36 23.41 -18.09 -38.39
CA TYR A 36 24.03 -19.21 -39.09
C TYR A 36 23.51 -19.42 -40.51
N ASP A 37 22.95 -18.35 -41.09
CA ASP A 37 22.40 -18.41 -42.44
C ASP A 37 23.42 -17.98 -43.50
N THR A 38 23.89 -18.94 -44.31
CA THR A 38 24.88 -18.63 -45.35
C THR A 38 24.34 -17.71 -46.45
N GLN A 39 23.04 -17.49 -46.49
CA GLN A 39 22.46 -16.63 -47.53
C GLN A 39 21.87 -15.33 -47.00
N ALA A 40 22.23 -14.99 -45.77
CA ALA A 40 21.71 -13.76 -45.17
C ALA A 40 22.13 -12.50 -45.95
N VAL A 41 21.16 -11.63 -46.15
CA VAL A 41 21.37 -10.37 -46.85
C VAL A 41 20.63 -9.31 -46.06
N VAL A 42 21.37 -8.36 -45.49
CA VAL A 42 20.81 -7.28 -44.69
C VAL A 42 21.32 -5.91 -45.18
N ASN A 43 20.46 -4.90 -45.12
CA ASN A 43 20.80 -3.54 -45.57
C ASN A 43 21.24 -2.55 -44.50
N ASP A 44 22.33 -2.85 -43.81
CA ASP A 44 22.82 -1.95 -42.77
C ASP A 44 23.03 -0.56 -43.38
N ASN A 45 22.12 0.36 -43.08
CA ASN A 45 22.21 1.72 -43.59
C ASN A 45 22.11 1.74 -45.11
N GLY A 46 23.10 2.35 -45.76
CA GLY A 46 23.10 2.43 -47.21
C GLY A 46 23.83 1.28 -47.90
N SER A 47 24.44 0.41 -47.12
CA SER A 47 25.16 -0.73 -47.68
C SER A 47 24.48 -2.06 -47.36
N THR A 48 25.00 -3.15 -47.94
CA THR A 48 24.45 -4.49 -47.73
C THR A 48 25.50 -5.46 -47.21
N GLU A 49 25.12 -6.23 -46.19
CA GLU A 49 26.04 -7.19 -45.60
C GLU A 49 25.66 -8.59 -46.06
N TYR A 50 26.66 -9.35 -46.50
CA TYR A 50 26.42 -10.69 -47.05
C TYR A 50 26.89 -11.94 -46.31
N GLY A 51 26.06 -12.97 -46.40
CA GLY A 51 26.38 -14.26 -45.83
C GLY A 51 26.47 -14.48 -44.34
N LEU A 52 27.12 -15.58 -44.00
CA LEU A 52 27.32 -16.01 -42.63
C LEU A 52 28.06 -14.98 -41.76
N PHE A 53 29.11 -14.37 -42.30
CA PHE A 53 29.90 -13.37 -41.54
C PHE A 53 29.37 -11.95 -41.73
N GLN A 54 28.35 -11.82 -42.60
CA GLN A 54 27.74 -10.53 -42.90
C GLN A 54 28.77 -9.50 -43.33
N ILE A 55 29.57 -9.87 -44.32
CA ILE A 55 30.60 -9.01 -44.87
C ILE A 55 29.94 -7.95 -45.75
N SER A 56 30.24 -6.68 -45.44
CA SER A 56 29.65 -5.53 -46.15
C SER A 56 30.32 -5.14 -47.48
N ASP A 57 29.52 -4.70 -48.45
CA ASP A 57 30.03 -4.27 -49.74
C ASP A 57 30.51 -2.83 -49.70
N ARG A 58 30.36 -2.19 -48.54
CA ARG A 58 30.82 -0.80 -48.40
C ARG A 58 32.31 -0.73 -48.71
N PHE A 59 33.09 -1.68 -48.18
CA PHE A 59 34.54 -1.72 -48.43
C PHE A 59 35.14 -3.11 -48.69
N TRP A 60 34.50 -4.16 -48.15
CA TRP A 60 35.06 -5.51 -48.25
C TRP A 60 34.85 -6.40 -49.47
N CYS A 61 33.63 -6.48 -49.97
CA CYS A 61 33.38 -7.29 -51.16
C CYS A 61 32.78 -6.38 -52.23
N LYS A 62 32.73 -6.88 -53.45
CA LYS A 62 32.22 -6.12 -54.59
C LYS A 62 30.83 -6.57 -55.06
N SER A 63 29.89 -5.63 -55.07
CA SER A 63 28.53 -5.92 -55.52
C SER A 63 28.20 -5.01 -56.71
N SER A 64 26.91 -4.86 -57.02
CA SER A 64 26.48 -4.01 -58.14
C SER A 64 26.21 -2.58 -57.69
N GLU A 65 25.79 -2.43 -56.43
CA GLU A 65 25.51 -1.13 -55.85
C GLU A 65 26.78 -0.31 -55.67
N PHE A 66 27.82 -0.94 -55.15
CA PHE A 66 29.11 -0.29 -54.94
C PHE A 66 30.11 -0.78 -55.97
N PRO A 67 30.02 -0.28 -57.22
CA PRO A 67 30.93 -0.69 -58.29
C PRO A 67 32.39 -0.39 -57.99
N GLU A 68 32.68 0.81 -57.49
CA GLU A 68 34.06 1.18 -57.19
C GLU A 68 34.38 1.03 -55.71
N SER A 69 33.69 0.11 -55.04
CA SER A 69 33.95 -0.12 -53.63
C SER A 69 35.39 -0.64 -53.54
N GLU A 70 36.04 -0.40 -52.42
CA GLU A 70 37.42 -0.85 -52.24
C GLU A 70 37.56 -2.34 -52.53
N ASN A 71 36.54 -3.11 -52.14
CA ASN A 71 36.56 -4.56 -52.34
C ASN A 71 37.88 -5.10 -51.78
N ILE A 72 38.23 -4.66 -50.57
CA ILE A 72 39.47 -5.07 -49.94
C ILE A 72 39.69 -6.58 -49.96
N CYS A 73 38.61 -7.35 -49.91
CA CYS A 73 38.74 -8.81 -49.94
C CYS A 73 38.91 -9.36 -51.35
N GLY A 74 38.83 -8.50 -52.35
CA GLY A 74 38.97 -8.95 -53.71
C GLY A 74 38.05 -10.11 -54.08
N ILE A 75 36.77 -9.95 -53.82
CA ILE A 75 35.83 -11.02 -54.16
C ILE A 75 34.45 -10.43 -54.37
N SER A 76 33.67 -11.08 -55.24
CA SER A 76 32.31 -10.65 -55.51
C SER A 76 31.51 -10.99 -54.26
N CYS A 77 30.57 -10.13 -53.88
CA CYS A 77 29.79 -10.40 -52.68
C CYS A 77 28.96 -11.69 -52.84
N ASP A 78 28.66 -12.03 -54.09
CA ASP A 78 27.86 -13.23 -54.36
C ASP A 78 28.56 -14.52 -53.96
N LYS A 79 29.87 -14.48 -53.86
CA LYS A 79 30.63 -15.66 -53.45
C LYS A 79 30.50 -15.86 -51.95
N LEU A 80 29.86 -14.90 -51.27
CA LEU A 80 29.68 -14.99 -49.83
C LEU A 80 28.25 -15.47 -49.53
N LEU A 81 27.53 -15.87 -50.57
CA LEU A 81 26.15 -16.34 -50.40
C LEU A 81 25.96 -17.82 -50.70
N ASP A 82 27.06 -18.54 -50.95
CA ASP A 82 26.99 -19.97 -51.21
C ASP A 82 27.29 -20.76 -49.93
N ASP A 83 27.63 -22.03 -50.07
CA ASP A 83 27.93 -22.87 -48.89
C ASP A 83 29.41 -23.18 -48.74
N GLU A 84 30.25 -22.51 -49.53
CA GLU A 84 31.70 -22.69 -49.48
C GLU A 84 32.23 -21.55 -48.61
N LEU A 85 32.46 -21.81 -47.34
CA LEU A 85 32.91 -20.78 -46.42
C LEU A 85 34.39 -20.41 -46.47
N ASP A 86 35.18 -21.15 -47.22
CA ASP A 86 36.60 -20.86 -47.28
C ASP A 86 36.91 -19.44 -47.72
N ASP A 87 36.17 -18.90 -48.69
CA ASP A 87 36.43 -17.52 -49.10
C ASP A 87 35.80 -16.50 -48.16
N ASP A 88 34.76 -16.90 -47.42
CA ASP A 88 34.16 -15.98 -46.47
C ASP A 88 35.14 -15.89 -45.30
N ILE A 89 35.73 -17.03 -44.95
CA ILE A 89 36.68 -17.08 -43.86
C ILE A 89 37.92 -16.24 -44.16
N ALA A 90 38.46 -16.38 -45.38
CA ALA A 90 39.64 -15.62 -45.75
C ALA A 90 39.32 -14.13 -45.67
N CYS A 91 38.13 -13.75 -46.08
CA CYS A 91 37.74 -12.35 -46.03
C CYS A 91 37.58 -11.91 -44.57
N ALA A 92 37.04 -12.81 -43.74
CA ALA A 92 36.88 -12.49 -42.32
C ALA A 92 38.27 -12.19 -41.73
N LYS A 93 39.24 -13.02 -42.07
CA LYS A 93 40.60 -12.82 -41.58
C LYS A 93 41.13 -11.44 -41.92
N LYS A 94 40.97 -11.02 -43.17
CA LYS A 94 41.44 -9.71 -43.56
C LYS A 94 40.78 -8.64 -42.71
N ILE A 95 39.50 -8.81 -42.41
CA ILE A 95 38.78 -7.84 -41.60
C ILE A 95 39.34 -7.85 -40.17
N LEU A 96 39.70 -9.04 -39.69
CA LEU A 96 40.25 -9.13 -38.36
C LEU A 96 41.62 -8.46 -38.32
N ALA A 97 42.39 -8.66 -39.38
CA ALA A 97 43.73 -8.09 -39.46
C ALA A 97 43.74 -6.58 -39.63
N ILE A 98 42.74 -6.04 -40.31
CA ILE A 98 42.65 -4.60 -40.56
C ILE A 98 41.77 -3.82 -39.58
N LYS A 99 40.58 -4.33 -39.30
CA LYS A 99 39.68 -3.61 -38.40
C LYS A 99 39.60 -4.27 -37.04
N GLY A 100 39.62 -5.59 -37.01
CA GLY A 100 39.55 -6.30 -35.76
C GLY A 100 38.17 -6.89 -35.52
N ILE A 101 38.06 -7.64 -34.43
CA ILE A 101 36.82 -8.31 -34.11
C ILE A 101 35.64 -7.36 -33.97
N ASP A 102 35.91 -6.10 -33.63
CA ASP A 102 34.83 -5.14 -33.46
C ASP A 102 33.98 -4.84 -34.71
N TYR A 103 34.40 -5.34 -35.86
CA TYR A 103 33.60 -5.16 -37.08
C TYR A 103 32.26 -5.85 -36.80
N TRP A 104 32.35 -6.94 -36.05
CA TRP A 104 31.18 -7.72 -35.67
C TRP A 104 30.59 -7.09 -34.41
N LYS A 105 29.58 -6.26 -34.63
CA LYS A 105 28.90 -5.54 -33.57
C LYS A 105 28.36 -6.41 -32.43
N ALA A 106 28.04 -7.67 -32.72
CA ALA A 106 27.49 -8.56 -31.71
C ALA A 106 28.50 -9.10 -30.69
N TYR A 107 29.78 -9.05 -31.04
CA TYR A 107 30.82 -9.57 -30.17
C TYR A 107 30.86 -9.02 -28.74
N LYS A 108 31.04 -7.72 -28.61
CA LYS A 108 31.13 -7.12 -27.28
C LYS A 108 29.91 -7.32 -26.37
N PRO A 109 28.71 -6.96 -26.83
CA PRO A 109 27.55 -7.14 -25.96
C PRO A 109 27.03 -8.57 -25.69
N MET A 110 27.15 -9.45 -26.67
CA MET A 110 26.63 -10.82 -26.53
C MET A 110 27.64 -11.93 -26.35
N CYS A 111 28.91 -11.66 -26.57
CA CYS A 111 29.88 -12.73 -26.47
C CYS A 111 31.08 -12.43 -25.58
N SER A 112 30.87 -11.63 -24.53
CA SER A 112 31.93 -11.31 -23.60
C SER A 112 31.90 -12.23 -22.39
N GLU A 113 30.81 -12.96 -22.23
CA GLU A 113 30.66 -13.87 -21.09
C GLU A 113 29.92 -15.13 -21.54
N LYS A 114 29.87 -16.11 -20.64
CA LYS A 114 29.20 -17.38 -20.91
C LYS A 114 29.44 -17.90 -22.32
N LEU A 115 30.69 -18.23 -22.61
CA LEU A 115 31.07 -18.73 -23.92
C LEU A 115 31.01 -20.25 -24.03
N GLU A 116 31.16 -20.91 -22.89
CA GLU A 116 31.15 -22.36 -22.83
C GLU A 116 29.91 -22.98 -23.48
N GLN A 117 28.77 -22.28 -23.38
CA GLN A 117 27.52 -22.74 -23.96
C GLN A 117 27.60 -22.89 -25.48
N TRP A 118 28.51 -22.13 -26.09
CA TRP A 118 28.69 -22.14 -27.55
C TRP A 118 29.59 -23.25 -28.08
N ARG A 119 30.16 -24.05 -27.18
CA ARG A 119 31.04 -25.14 -27.57
C ARG A 119 30.26 -26.28 -28.17
N CYS A 120 30.76 -26.80 -29.29
CA CYS A 120 30.12 -27.93 -29.95
C CYS A 120 30.79 -29.20 -29.42
N GLU A 121 30.08 -29.94 -28.56
CA GLU A 121 30.64 -31.16 -27.98
C GLU A 121 30.52 -32.36 -28.91
N LYS A 122 30.55 -32.11 -30.22
CA LYS A 122 30.45 -33.16 -31.22
C LYS A 122 31.87 -33.57 -31.63
N PRO A 123 32.13 -34.89 -31.73
CA PRO A 123 33.44 -35.42 -32.10
C PRO A 123 33.99 -34.86 -33.42
N THR B 16 -11.49 -23.79 -1.59
CA THR B 16 -12.24 -23.25 -2.76
C THR B 16 -11.27 -22.60 -3.74
N ALA B 17 -9.97 -22.65 -3.41
CA ALA B 17 -8.94 -22.08 -4.28
C ALA B 17 -8.35 -23.20 -5.15
N CYS B 18 -8.10 -22.89 -6.42
CA CYS B 18 -7.55 -23.88 -7.35
C CYS B 18 -6.26 -24.51 -6.83
N PRO B 19 -6.09 -25.82 -7.07
CA PRO B 19 -4.90 -26.56 -6.63
C PRO B 19 -3.64 -25.98 -7.25
N GLU B 20 -2.52 -26.11 -6.56
CA GLU B 20 -1.25 -25.60 -7.05
C GLU B 20 -1.02 -26.04 -8.49
N GLU B 21 -1.33 -27.29 -8.80
CA GLU B 21 -1.18 -27.78 -10.15
C GLU B 21 -2.52 -28.26 -10.67
N SER B 22 -2.92 -27.77 -11.85
CA SER B 22 -4.18 -28.17 -12.44
C SER B 22 -4.30 -29.67 -12.70
N PRO B 23 -5.43 -30.27 -12.32
CA PRO B 23 -5.69 -31.70 -12.50
C PRO B 23 -6.14 -32.05 -13.91
N LEU B 24 -6.44 -31.03 -14.70
CA LEU B 24 -6.93 -31.23 -16.06
C LEU B 24 -5.83 -31.42 -17.12
N LEU B 25 -4.60 -31.05 -16.77
CA LEU B 25 -3.47 -31.16 -17.70
C LEU B 25 -3.36 -32.52 -18.40
N VAL B 26 -2.97 -32.49 -19.67
CA VAL B 26 -2.80 -33.70 -20.47
C VAL B 26 -1.35 -33.98 -20.83
N GLY B 27 -0.51 -32.94 -20.80
CA GLY B 27 0.88 -33.12 -21.14
C GLY B 27 1.22 -32.81 -22.59
N PRO B 28 1.97 -33.70 -23.26
CA PRO B 28 2.37 -33.50 -24.68
C PRO B 28 1.14 -33.43 -25.56
N MET B 29 1.17 -32.53 -26.53
CA MET B 29 0.05 -32.37 -27.44
C MET B 29 0.49 -32.36 -28.89
N LEU B 30 -0.41 -32.84 -29.76
CA LEU B 30 -0.15 -32.87 -31.19
C LEU B 30 -0.51 -31.48 -31.75
N ILE B 31 0.50 -30.77 -32.25
CA ILE B 31 0.30 -29.43 -32.80
C ILE B 31 0.58 -29.41 -34.30
N GLU B 32 -0.45 -29.18 -35.09
CA GLU B 32 -0.30 -29.12 -36.55
C GLU B 32 -1.00 -27.90 -37.13
N PHE B 33 -0.47 -27.40 -38.25
CA PHE B 33 -1.01 -26.22 -38.88
C PHE B 33 -1.42 -26.44 -40.34
N ASN B 34 -2.21 -27.49 -40.59
CA ASN B 34 -2.62 -27.78 -41.94
C ASN B 34 -4.12 -27.62 -42.18
N ILE B 35 -4.91 -27.97 -41.18
CA ILE B 35 -6.35 -27.82 -41.32
C ILE B 35 -6.72 -26.36 -41.05
N PRO B 36 -7.51 -25.75 -41.96
CA PRO B 36 -7.90 -24.36 -41.76
C PRO B 36 -8.72 -24.28 -40.49
N VAL B 37 -8.69 -23.13 -39.83
CA VAL B 37 -9.47 -22.99 -38.61
C VAL B 37 -10.65 -22.07 -38.83
N ASP B 38 -11.73 -22.37 -38.11
CA ASP B 38 -12.95 -21.57 -38.18
C ASP B 38 -13.21 -21.12 -36.75
N LEU B 39 -13.05 -19.82 -36.51
CA LEU B 39 -13.25 -19.26 -35.19
C LEU B 39 -14.63 -19.57 -34.62
N LYS B 40 -15.62 -19.73 -35.50
CA LYS B 40 -16.98 -20.05 -35.07
C LYS B 40 -16.96 -21.40 -34.36
N LEU B 41 -16.24 -22.36 -34.92
CA LEU B 41 -16.16 -23.67 -34.30
C LEU B 41 -15.44 -23.53 -32.98
N VAL B 42 -14.29 -22.87 -33.02
CA VAL B 42 -13.48 -22.64 -31.83
C VAL B 42 -14.37 -22.06 -30.73
N GLU B 43 -15.20 -21.10 -31.08
CA GLU B 43 -16.12 -20.49 -30.11
C GLU B 43 -17.10 -21.55 -29.59
N GLN B 44 -17.68 -22.32 -30.50
CA GLN B 44 -18.62 -23.36 -30.10
C GLN B 44 -17.92 -24.35 -29.18
N GLN B 45 -16.67 -24.65 -29.49
CA GLN B 45 -15.90 -25.59 -28.67
C GLN B 45 -15.47 -24.97 -27.35
N ASN B 46 -15.55 -23.65 -27.28
CA ASN B 46 -15.14 -22.96 -26.06
C ASN B 46 -16.23 -22.03 -25.52
N PRO B 47 -17.32 -22.64 -25.06
CA PRO B 47 -18.51 -21.99 -24.50
C PRO B 47 -18.19 -21.04 -23.35
N LYS B 48 -17.36 -21.51 -22.43
CA LYS B 48 -16.97 -20.75 -21.24
C LYS B 48 -16.29 -19.41 -21.53
N VAL B 49 -15.69 -19.26 -22.71
CA VAL B 49 -15.00 -18.02 -23.04
C VAL B 49 -15.96 -16.89 -23.41
N LYS B 50 -15.92 -15.82 -22.61
CA LYS B 50 -16.80 -14.68 -22.82
C LYS B 50 -16.22 -13.61 -23.76
N LEU B 51 -17.09 -12.69 -24.16
CA LEU B 51 -16.75 -11.60 -25.07
C LEU B 51 -15.42 -10.91 -24.75
N GLY B 52 -14.56 -10.82 -25.77
CA GLY B 52 -13.27 -10.19 -25.57
C GLY B 52 -12.15 -11.17 -25.27
N GLY B 53 -12.49 -12.46 -25.26
CA GLY B 53 -11.50 -13.48 -24.98
C GLY B 53 -11.20 -13.57 -23.49
N ARG B 54 -12.25 -13.52 -22.68
CA ARG B 54 -12.10 -13.59 -21.23
C ARG B 54 -12.62 -14.89 -20.67
N TYR B 55 -11.94 -15.40 -19.66
CA TYR B 55 -12.32 -16.66 -19.02
C TYR B 55 -11.93 -16.62 -17.55
N THR B 56 -12.78 -17.24 -16.74
CA THR B 56 -12.55 -17.33 -15.29
C THR B 56 -13.13 -18.68 -14.92
N PRO B 57 -12.31 -19.57 -14.35
CA PRO B 57 -12.83 -20.88 -13.96
C PRO B 57 -14.00 -20.76 -12.98
N MET B 58 -14.96 -21.67 -13.09
CA MET B 58 -16.12 -21.64 -12.22
C MET B 58 -15.96 -22.46 -10.95
N ASP B 59 -15.25 -23.57 -11.01
CA ASP B 59 -15.05 -24.42 -9.83
C ASP B 59 -14.36 -23.66 -8.72
N CYS B 60 -13.04 -23.64 -8.81
CA CYS B 60 -12.18 -22.99 -7.84
C CYS B 60 -11.89 -21.53 -8.15
N ILE B 61 -11.11 -20.90 -7.27
CA ILE B 61 -10.71 -19.51 -7.46
C ILE B 61 -9.25 -19.55 -7.86
N SER B 62 -8.94 -18.94 -8.99
CA SER B 62 -7.57 -18.91 -9.49
C SER B 62 -6.86 -17.66 -9.03
N PRO B 63 -5.63 -17.80 -8.51
CA PRO B 63 -4.81 -16.68 -8.03
C PRO B 63 -4.05 -16.05 -9.19
N HIS B 64 -4.18 -16.65 -10.38
CA HIS B 64 -3.51 -16.17 -11.57
C HIS B 64 -4.45 -15.34 -12.44
N LYS B 65 -4.43 -14.02 -12.26
CA LYS B 65 -5.26 -13.14 -13.08
C LYS B 65 -4.30 -12.74 -14.20
N VAL B 66 -4.39 -13.46 -15.32
CA VAL B 66 -3.48 -13.26 -16.44
C VAL B 66 -3.95 -12.58 -17.70
N ALA B 67 -3.19 -11.56 -18.10
CA ALA B 67 -3.48 -10.85 -19.33
C ALA B 67 -2.40 -11.34 -20.31
N ILE B 68 -2.83 -11.91 -21.43
CA ILE B 68 -1.91 -12.42 -22.44
C ILE B 68 -1.82 -11.41 -23.58
N ILE B 69 -0.66 -10.76 -23.69
CA ILE B 69 -0.43 -9.74 -24.70
C ILE B 69 0.31 -10.28 -25.93
N ILE B 70 -0.26 -10.01 -27.09
CA ILE B 70 0.30 -10.48 -28.35
C ILE B 70 0.56 -9.31 -29.28
N PRO B 71 1.84 -8.99 -29.57
CA PRO B 71 2.19 -7.88 -30.47
C PRO B 71 1.66 -8.31 -31.83
N PHE B 72 1.13 -7.38 -32.63
CA PHE B 72 0.51 -7.80 -33.89
C PHE B 72 0.38 -6.79 -35.02
N ARG B 73 0.42 -7.31 -36.23
CA ARG B 73 0.22 -6.55 -37.46
C ARG B 73 0.19 -7.52 -38.61
N ASN B 74 -0.96 -7.64 -39.24
CA ASN B 74 -1.17 -8.52 -40.38
C ASN B 74 -0.76 -9.98 -40.19
N ARG B 75 -1.27 -10.61 -39.14
CA ARG B 75 -0.96 -12.02 -38.89
C ARG B 75 -2.25 -12.73 -38.50
N GLN B 76 -3.35 -12.41 -39.19
CA GLN B 76 -4.64 -12.99 -38.87
C GLN B 76 -4.67 -14.52 -38.93
N GLU B 77 -4.06 -15.10 -39.97
CA GLU B 77 -4.06 -16.57 -40.06
C GLU B 77 -3.34 -17.21 -38.87
N HIS B 78 -2.22 -16.61 -38.45
CA HIS B 78 -1.52 -17.14 -37.30
C HIS B 78 -2.39 -17.00 -36.05
N LEU B 79 -3.04 -15.86 -35.89
CA LEU B 79 -3.89 -15.62 -34.72
C LEU B 79 -4.95 -16.72 -34.63
N LYS B 80 -5.51 -17.09 -35.76
CA LYS B 80 -6.53 -18.14 -35.79
C LYS B 80 -5.99 -19.44 -35.18
N TYR B 81 -4.80 -19.85 -35.59
CA TYR B 81 -4.19 -21.07 -35.05
C TYR B 81 -3.88 -20.90 -33.57
N TRP B 82 -3.36 -19.72 -33.21
CA TRP B 82 -3.01 -19.42 -31.81
C TRP B 82 -4.25 -19.60 -30.93
N LEU B 83 -5.35 -18.98 -31.35
CA LEU B 83 -6.63 -19.06 -30.63
C LEU B 83 -7.12 -20.50 -30.57
N TYR B 84 -7.01 -21.18 -31.69
CA TYR B 84 -7.43 -22.57 -31.77
C TYR B 84 -6.75 -23.43 -30.70
N TYR B 85 -5.42 -23.31 -30.58
CA TYR B 85 -4.68 -24.10 -29.63
C TYR B 85 -4.60 -23.59 -28.21
N LEU B 86 -4.42 -22.28 -28.04
CA LEU B 86 -4.28 -21.74 -26.72
C LEU B 86 -5.52 -21.72 -25.83
N HIS B 87 -6.67 -21.40 -26.40
CA HIS B 87 -7.89 -21.33 -25.58
C HIS B 87 -8.14 -22.58 -24.75
N PRO B 88 -8.24 -23.75 -25.40
CA PRO B 88 -8.49 -24.91 -24.56
C PRO B 88 -7.37 -25.14 -23.52
N ILE B 89 -6.13 -24.84 -23.90
CA ILE B 89 -5.00 -25.02 -23.01
C ILE B 89 -5.07 -24.09 -21.79
N LEU B 90 -5.32 -22.81 -22.03
CA LEU B 90 -5.39 -21.83 -20.97
C LEU B 90 -6.47 -22.16 -19.94
N GLN B 91 -7.56 -22.77 -20.41
CA GLN B 91 -8.61 -23.14 -19.49
C GLN B 91 -8.16 -24.36 -18.68
N ARG B 92 -7.49 -25.30 -19.35
CA ARG B 92 -7.00 -26.49 -18.67
C ARG B 92 -6.01 -26.05 -17.58
N GLN B 93 -5.37 -24.91 -17.77
CA GLN B 93 -4.41 -24.40 -16.80
C GLN B 93 -5.09 -23.65 -15.66
N GLN B 94 -6.43 -23.64 -15.66
CA GLN B 94 -7.21 -22.99 -14.62
C GLN B 94 -6.85 -21.53 -14.38
N LEU B 95 -6.73 -20.76 -15.46
CA LEU B 95 -6.38 -19.35 -15.32
C LEU B 95 -7.59 -18.43 -15.49
N ASP B 96 -7.50 -17.27 -14.84
CA ASP B 96 -8.53 -16.24 -14.96
C ASP B 96 -7.80 -15.33 -15.91
N TYR B 97 -8.03 -15.52 -17.21
CA TYR B 97 -7.32 -14.77 -18.24
C TYR B 97 -8.13 -13.95 -19.25
N GLY B 98 -7.39 -13.15 -20.03
CA GLY B 98 -7.97 -12.33 -21.06
C GLY B 98 -6.96 -12.26 -22.20
N ILE B 99 -7.45 -12.33 -23.45
CA ILE B 99 -6.58 -12.29 -24.62
C ILE B 99 -6.57 -10.91 -25.29
N TYR B 100 -5.38 -10.32 -25.38
CA TYR B 100 -5.21 -9.00 -25.99
C TYR B 100 -4.24 -8.99 -27.17
N VAL B 101 -4.76 -8.66 -28.35
CA VAL B 101 -3.94 -8.56 -29.54
C VAL B 101 -3.74 -7.08 -29.80
N ILE B 102 -2.51 -6.61 -29.60
CA ILE B 102 -2.18 -5.21 -29.79
C ILE B 102 -1.74 -5.01 -31.23
N ASN B 103 -2.63 -4.43 -32.03
CA ASN B 103 -2.42 -4.18 -33.45
C ASN B 103 -1.74 -2.84 -33.73
N GLN B 104 -0.60 -2.87 -34.43
CA GLN B 104 0.14 -1.65 -34.76
C GLN B 104 -0.37 -1.07 -36.06
N ALA B 105 -1.04 0.08 -35.97
CA ALA B 105 -1.56 0.76 -37.13
C ALA B 105 -0.42 1.38 -37.94
N GLY B 106 -0.68 1.61 -39.22
CA GLY B 106 0.32 2.23 -40.07
C GLY B 106 1.30 1.29 -40.73
N GLU B 107 2.42 1.84 -41.18
CA GLU B 107 3.43 1.05 -41.86
C GLU B 107 4.86 1.36 -41.45
N SER B 108 5.04 1.91 -40.25
CA SER B 108 6.37 2.22 -39.77
C SER B 108 6.98 0.89 -39.39
N MET B 109 8.25 0.91 -39.01
CA MET B 109 8.93 -0.32 -38.59
C MET B 109 8.20 -0.89 -37.38
N PHE B 110 7.97 -2.21 -37.39
CA PHE B 110 7.28 -2.89 -36.29
C PHE B 110 8.02 -2.69 -34.96
N ASN B 111 7.27 -2.36 -33.92
CA ASN B 111 7.85 -2.12 -32.59
C ASN B 111 7.21 -3.08 -31.59
N ARG B 112 7.77 -4.28 -31.51
CA ARG B 112 7.28 -5.32 -30.62
C ARG B 112 7.16 -4.91 -29.15
N ALA B 113 8.26 -4.43 -28.59
CA ALA B 113 8.29 -4.02 -27.18
C ALA B 113 7.30 -2.92 -26.80
N LYS B 114 7.17 -1.89 -27.63
CA LYS B 114 6.24 -0.82 -27.32
C LYS B 114 4.82 -1.38 -27.29
N LEU B 115 4.48 -2.20 -28.28
CA LEU B 115 3.15 -2.79 -28.37
C LEU B 115 2.87 -3.61 -27.12
N LEU B 116 3.89 -4.27 -26.59
CA LEU B 116 3.72 -5.07 -25.38
C LEU B 116 3.45 -4.15 -24.20
N ASN B 117 4.06 -2.97 -24.20
CA ASN B 117 3.85 -2.00 -23.13
C ASN B 117 2.39 -1.56 -23.15
N VAL B 118 1.90 -1.24 -24.34
CA VAL B 118 0.52 -0.83 -24.52
C VAL B 118 -0.43 -1.88 -23.98
N GLY B 119 -0.15 -3.15 -24.26
CA GLY B 119 -1.00 -4.21 -23.79
C GLY B 119 -1.11 -4.22 -22.28
N PHE B 120 0.00 -3.94 -21.60
CA PHE B 120 0.02 -3.89 -20.14
C PHE B 120 -0.97 -2.82 -19.69
N LYS B 121 -0.75 -1.59 -20.12
CA LYS B 121 -1.60 -0.47 -19.77
C LYS B 121 -3.07 -0.76 -20.08
N GLU B 122 -3.37 -0.94 -21.36
CA GLU B 122 -4.75 -1.20 -21.79
C GLU B 122 -5.43 -2.35 -21.06
N ALA B 123 -4.74 -3.46 -20.91
CA ALA B 123 -5.32 -4.61 -20.23
C ALA B 123 -5.81 -4.23 -18.83
N LEU B 124 -4.91 -3.62 -18.06
CA LEU B 124 -5.21 -3.21 -16.69
C LEU B 124 -6.48 -2.37 -16.54
N LYS B 125 -6.94 -1.75 -17.62
CA LYS B 125 -8.16 -0.95 -17.58
C LYS B 125 -9.39 -1.87 -17.53
N ASP B 126 -9.27 -3.05 -18.13
CA ASP B 126 -10.37 -4.00 -18.17
C ASP B 126 -10.55 -4.79 -16.88
N TYR B 127 -9.45 -5.06 -16.19
CA TYR B 127 -9.55 -5.91 -15.01
C TYR B 127 -8.24 -5.79 -14.23
N ASP B 128 -8.24 -6.17 -12.96
CA ASP B 128 -7.02 -6.07 -12.17
C ASP B 128 -6.13 -7.31 -12.30
N TYR B 129 -5.44 -7.41 -13.44
CA TYR B 129 -4.54 -8.55 -13.67
C TYR B 129 -3.30 -8.39 -12.81
N ASN B 130 -2.78 -9.51 -12.32
CA ASN B 130 -1.58 -9.46 -11.49
C ASN B 130 -0.44 -10.16 -12.21
N CYS B 131 -0.72 -10.62 -13.44
CA CYS B 131 0.27 -11.34 -14.24
C CYS B 131 0.10 -11.07 -15.73
N PHE B 132 1.22 -10.92 -16.42
CA PHE B 132 1.21 -10.66 -17.86
C PHE B 132 2.10 -11.61 -18.66
N VAL B 133 1.51 -12.28 -19.63
CA VAL B 133 2.23 -13.20 -20.47
C VAL B 133 2.37 -12.52 -21.83
N PHE B 134 3.60 -12.28 -22.26
CA PHE B 134 3.85 -11.63 -23.53
C PHE B 134 4.22 -12.71 -24.54
N SER B 135 3.39 -12.84 -25.58
CA SER B 135 3.62 -13.89 -26.54
C SER B 135 3.51 -13.51 -28.00
N ASP B 136 4.46 -14.01 -28.79
CA ASP B 136 4.43 -13.77 -30.23
C ASP B 136 3.22 -14.58 -30.73
N VAL B 137 2.61 -14.13 -31.81
CA VAL B 137 1.43 -14.79 -32.36
C VAL B 137 1.67 -16.16 -32.99
N ASP B 138 2.91 -16.46 -33.36
CA ASP B 138 3.19 -17.74 -34.02
C ASP B 138 3.74 -18.86 -33.16
N LEU B 139 3.84 -18.67 -31.86
CA LEU B 139 4.38 -19.72 -31.00
C LEU B 139 3.28 -20.43 -30.24
N ILE B 140 3.21 -21.75 -30.38
CA ILE B 140 2.20 -22.57 -29.70
C ILE B 140 2.92 -23.57 -28.81
N PRO B 141 2.63 -23.56 -27.49
CA PRO B 141 3.28 -24.52 -26.57
C PRO B 141 2.89 -25.96 -26.89
N MET B 142 3.82 -26.89 -26.67
CA MET B 142 3.53 -28.28 -26.97
C MET B 142 3.16 -29.15 -25.78
N ASN B 143 3.35 -28.63 -24.57
CA ASN B 143 3.02 -29.37 -23.37
C ASN B 143 2.26 -28.44 -22.44
N ASP B 144 1.05 -28.82 -22.04
CA ASP B 144 0.26 -27.93 -21.20
C ASP B 144 0.73 -27.81 -19.75
N HIS B 145 1.83 -28.50 -19.41
CA HIS B 145 2.40 -28.39 -18.07
C HIS B 145 3.22 -27.10 -18.03
N ASN B 146 3.41 -26.51 -19.21
CA ASN B 146 4.15 -25.27 -19.37
C ASN B 146 3.14 -24.15 -19.08
N THR B 147 2.80 -23.98 -17.81
CA THR B 147 1.81 -23.01 -17.38
C THR B 147 2.08 -21.57 -17.82
N TYR B 148 1.06 -20.95 -18.38
CA TYR B 148 1.13 -19.57 -18.84
C TYR B 148 0.79 -18.64 -17.68
N ARG B 149 1.66 -18.62 -16.68
CA ARG B 149 1.45 -17.77 -15.50
C ARG B 149 2.75 -17.18 -14.98
N CYS B 150 2.67 -16.50 -13.84
CA CYS B 150 3.83 -15.85 -13.25
C CYS B 150 4.47 -16.63 -12.10
N PHE B 151 5.74 -16.33 -11.84
CA PHE B 151 6.49 -17.00 -10.80
C PHE B 151 7.28 -16.02 -9.92
N SER B 152 8.01 -16.56 -8.95
CA SER B 152 8.82 -15.77 -8.03
C SER B 152 9.69 -14.83 -8.84
N GLN B 153 10.20 -15.35 -9.96
CA GLN B 153 11.06 -14.59 -10.86
C GLN B 153 10.44 -14.56 -12.26
N PRO B 154 10.87 -13.60 -13.10
CA PRO B 154 10.38 -13.48 -14.47
C PRO B 154 10.48 -14.85 -15.11
N ARG B 155 9.41 -15.27 -15.78
CA ARG B 155 9.36 -16.59 -16.39
C ARG B 155 9.54 -16.57 -17.90
N HIS B 156 10.47 -17.39 -18.40
CA HIS B 156 10.67 -17.49 -19.83
C HIS B 156 9.93 -18.77 -20.19
N ILE B 157 8.97 -18.67 -21.11
CA ILE B 157 8.16 -19.82 -21.45
C ILE B 157 8.55 -20.64 -22.68
N SER B 158 8.84 -19.97 -23.80
CA SER B 158 9.23 -20.65 -25.01
C SER B 158 10.72 -20.97 -24.94
N VAL B 159 11.08 -21.93 -24.10
CA VAL B 159 12.47 -22.30 -23.91
C VAL B 159 13.01 -23.33 -24.91
N ALA B 160 12.13 -24.05 -25.60
CA ALA B 160 12.58 -25.07 -26.55
C ALA B 160 11.80 -25.07 -27.86
N MET B 161 12.11 -24.09 -28.71
CA MET B 161 11.45 -23.92 -30.01
C MET B 161 12.02 -24.85 -31.06
N ASP B 162 11.16 -25.38 -31.91
CA ASP B 162 11.61 -26.28 -32.96
C ASP B 162 12.64 -25.57 -33.83
N LYS B 163 12.43 -24.27 -34.00
CA LYS B 163 13.29 -23.39 -34.78
C LYS B 163 14.76 -23.47 -34.35
N PHE B 164 14.97 -23.85 -33.08
CA PHE B 164 16.31 -23.96 -32.53
C PHE B 164 16.62 -25.38 -32.04
N GLY B 165 16.05 -26.38 -32.70
CA GLY B 165 16.30 -27.75 -32.32
C GLY B 165 15.87 -28.08 -30.91
N PHE B 166 14.66 -27.65 -30.56
CA PHE B 166 14.09 -27.89 -29.24
C PHE B 166 15.09 -27.66 -28.13
N SER B 167 15.75 -26.52 -28.21
CA SER B 167 16.73 -26.12 -27.23
C SER B 167 16.81 -24.60 -27.21
N LEU B 168 17.29 -24.06 -26.10
CA LEU B 168 17.45 -22.63 -25.93
C LEU B 168 18.51 -22.15 -26.94
N PRO B 169 18.22 -21.11 -27.73
CA PRO B 169 19.21 -20.63 -28.69
C PRO B 169 20.48 -20.14 -28.00
N TYR B 170 20.31 -19.49 -26.86
CA TYR B 170 21.41 -19.01 -26.04
C TYR B 170 20.81 -18.78 -24.65
N VAL B 171 21.61 -19.06 -23.63
CA VAL B 171 21.14 -18.96 -22.26
C VAL B 171 20.55 -17.61 -21.86
N GLN B 172 20.97 -16.54 -22.52
CA GLN B 172 20.46 -15.22 -22.20
C GLN B 172 19.17 -14.90 -22.96
N TYR B 173 18.67 -15.87 -23.72
CA TYR B 173 17.46 -15.67 -24.51
C TYR B 173 16.20 -15.51 -23.65
N PHE B 174 15.42 -14.48 -23.95
CA PHE B 174 14.20 -14.21 -23.20
C PHE B 174 13.08 -13.87 -24.19
N GLY B 175 13.29 -14.25 -25.45
CA GLY B 175 12.30 -13.95 -26.48
C GLY B 175 11.22 -15.00 -26.69
N GLY B 176 10.26 -14.67 -27.56
CA GLY B 176 9.17 -15.57 -27.86
C GLY B 176 7.98 -15.41 -26.94
N VAL B 177 8.01 -16.14 -25.85
CA VAL B 177 6.95 -16.11 -24.86
C VAL B 177 7.55 -16.00 -23.47
N SER B 178 7.17 -14.95 -22.73
CA SER B 178 7.65 -14.75 -21.37
C SER B 178 6.59 -14.06 -20.50
N ALA B 179 6.75 -14.19 -19.19
CA ALA B 179 5.79 -13.60 -18.29
C ALA B 179 6.42 -12.90 -17.09
N LEU B 180 5.85 -11.77 -16.72
CA LEU B 180 6.30 -11.01 -15.56
C LEU B 180 5.07 -10.63 -14.74
N SER B 181 5.19 -10.72 -13.42
CA SER B 181 4.09 -10.35 -12.55
C SER B 181 3.97 -8.84 -12.69
N LYS B 182 2.88 -8.27 -12.19
CA LYS B 182 2.71 -6.82 -12.28
C LYS B 182 3.87 -6.12 -11.58
N GLN B 183 4.23 -6.63 -10.40
CA GLN B 183 5.32 -6.04 -9.62
C GLN B 183 6.63 -6.11 -10.40
N GLN B 184 6.96 -7.29 -10.91
CA GLN B 184 8.19 -7.48 -11.68
C GLN B 184 8.24 -6.57 -12.89
N PHE B 185 7.09 -6.34 -13.52
CA PHE B 185 7.04 -5.48 -14.69
C PHE B 185 7.31 -4.02 -14.32
N LEU B 186 6.58 -3.49 -13.34
CA LEU B 186 6.79 -2.10 -12.91
C LEU B 186 8.23 -1.97 -12.45
N SER B 187 8.71 -3.03 -11.82
CA SER B 187 10.06 -3.13 -11.29
C SER B 187 11.15 -2.68 -12.26
N ILE B 188 11.00 -3.00 -13.54
CA ILE B 188 12.00 -2.62 -14.54
C ILE B 188 11.52 -1.48 -15.43
N ASN B 189 10.51 -0.75 -14.96
CA ASN B 189 9.94 0.36 -15.75
C ASN B 189 9.39 -0.17 -17.07
N GLY B 190 8.80 -1.36 -17.01
CA GLY B 190 8.25 -1.95 -18.22
C GLY B 190 9.30 -2.22 -19.27
N PHE B 191 8.89 -2.24 -20.53
CA PHE B 191 9.82 -2.52 -21.63
C PHE B 191 10.22 -1.27 -22.39
N PRO B 192 11.27 -1.36 -23.20
CA PRO B 192 11.69 -0.18 -23.97
C PRO B 192 10.70 0.14 -25.10
N ASN B 193 10.71 1.38 -25.58
CA ASN B 193 9.82 1.78 -26.66
C ASN B 193 10.68 2.24 -27.83
N ASN B 194 11.98 2.30 -27.60
CA ASN B 194 12.89 2.79 -28.62
C ASN B 194 13.52 1.79 -29.56
N TYR B 195 13.04 0.55 -29.54
CA TYR B 195 13.56 -0.48 -30.43
C TYR B 195 12.61 -0.64 -31.62
N TRP B 196 13.02 -0.13 -32.78
CA TRP B 196 12.22 -0.22 -33.99
C TRP B 196 12.87 -1.19 -34.97
N GLY B 197 12.06 -2.05 -35.57
CA GLY B 197 12.59 -3.04 -36.49
C GLY B 197 12.89 -4.28 -35.68
N ALA B 198 13.30 -5.36 -36.35
CA ALA B 198 13.58 -6.62 -35.67
C ALA B 198 14.91 -6.73 -34.90
N GLY B 199 14.87 -7.47 -33.80
CA GLY B 199 16.06 -7.72 -33.00
C GLY B 199 16.47 -6.80 -31.86
N GLY B 200 16.97 -7.42 -30.80
CA GLY B 200 17.46 -6.69 -29.64
C GLY B 200 16.56 -6.38 -28.46
N GLU B 201 15.34 -5.92 -28.72
CA GLU B 201 14.43 -5.55 -27.63
C GLU B 201 14.35 -6.58 -26.52
N ASP B 202 14.26 -7.85 -26.89
CA ASP B 202 14.15 -8.91 -25.91
C ASP B 202 15.43 -9.07 -25.08
N ASP B 203 16.59 -8.73 -25.65
CA ASP B 203 17.84 -8.84 -24.90
C ASP B 203 17.95 -7.70 -23.88
N ASP B 204 17.39 -6.55 -24.26
CA ASP B 204 17.38 -5.35 -23.41
C ASP B 204 16.52 -5.65 -22.19
N ILE B 205 15.36 -6.25 -22.45
CA ILE B 205 14.43 -6.61 -21.40
C ILE B 205 15.17 -7.55 -20.47
N TYR B 206 15.91 -8.49 -21.04
CA TYR B 206 16.68 -9.44 -20.24
C TYR B 206 17.69 -8.67 -19.41
N ASN B 207 18.36 -7.69 -20.03
CA ASN B 207 19.35 -6.90 -19.31
C ASN B 207 18.69 -6.21 -18.12
N ARG B 208 17.50 -5.64 -18.34
CA ARG B 208 16.77 -4.94 -17.28
C ARG B 208 16.46 -5.83 -16.07
N LEU B 209 16.19 -7.10 -16.31
CA LEU B 209 15.89 -8.03 -15.23
C LEU B 209 17.11 -8.16 -14.33
N ALA B 210 18.28 -8.31 -14.97
CA ALA B 210 19.54 -8.45 -14.25
C ALA B 210 19.83 -7.22 -13.39
N PHE B 211 19.66 -6.03 -13.98
CA PHE B 211 19.91 -4.78 -13.27
C PHE B 211 18.86 -4.52 -12.20
N ARG B 212 18.26 -5.60 -11.69
CA ARG B 212 17.26 -5.49 -10.65
C ARG B 212 17.25 -6.74 -9.78
N GLY B 213 18.38 -7.44 -9.77
CA GLY B 213 18.49 -8.63 -8.95
C GLY B 213 17.58 -9.78 -9.35
N MET B 214 16.64 -9.52 -10.25
CA MET B 214 15.74 -10.58 -10.68
C MET B 214 16.44 -11.54 -11.63
N SER B 215 16.13 -12.83 -11.51
CA SER B 215 16.72 -13.82 -12.39
C SER B 215 15.65 -14.30 -13.36
N VAL B 216 15.90 -15.43 -14.02
CA VAL B 216 14.94 -15.98 -14.98
C VAL B 216 14.52 -17.39 -14.66
N SER B 217 13.23 -17.58 -14.49
CA SER B 217 12.65 -18.87 -14.20
C SER B 217 12.34 -19.53 -15.54
N ARG B 218 12.44 -20.85 -15.60
CA ARG B 218 12.15 -21.57 -16.84
C ARG B 218 11.78 -23.02 -16.58
N PRO B 219 10.87 -23.57 -17.40
CA PRO B 219 10.48 -24.96 -17.26
C PRO B 219 11.61 -25.72 -17.93
N ASN B 220 11.60 -27.05 -17.91
CA ASN B 220 12.70 -27.75 -18.57
C ASN B 220 12.51 -27.83 -20.09
N ALA B 221 13.58 -28.16 -20.80
CA ALA B 221 13.54 -28.23 -22.27
C ALA B 221 12.46 -29.12 -22.88
N VAL B 222 11.86 -30.01 -22.10
CA VAL B 222 10.81 -30.87 -22.63
C VAL B 222 9.42 -30.31 -22.35
N ILE B 223 9.21 -29.84 -21.14
CA ILE B 223 7.93 -29.24 -20.76
C ILE B 223 7.74 -27.93 -21.52
N GLY B 224 8.86 -27.35 -21.95
CA GLY B 224 8.82 -26.09 -22.66
C GLY B 224 8.99 -26.16 -24.16
N LYS B 225 8.79 -27.32 -24.76
CA LYS B 225 8.91 -27.43 -26.22
C LYS B 225 7.83 -26.52 -26.83
N THR B 226 8.17 -25.87 -27.94
CA THR B 226 7.24 -24.95 -28.58
C THR B 226 7.33 -25.00 -30.10
N ARG B 227 6.18 -24.95 -30.76
CA ARG B 227 6.14 -24.95 -32.21
C ARG B 227 5.90 -23.56 -32.75
N MET B 228 6.59 -23.24 -33.85
CA MET B 228 6.46 -21.95 -34.49
C MET B 228 5.90 -22.14 -35.88
N ILE B 229 4.89 -21.35 -36.21
CA ILE B 229 4.29 -21.42 -37.54
C ILE B 229 5.28 -20.72 -38.45
N ARG B 230 5.91 -21.46 -39.36
CA ARG B 230 6.90 -20.87 -40.26
C ARG B 230 6.23 -19.86 -41.20
N HIS B 231 6.94 -18.76 -41.43
CA HIS B 231 6.44 -17.69 -42.28
C HIS B 231 7.61 -16.95 -42.92
N SER B 232 7.30 -15.99 -43.79
CA SER B 232 8.30 -15.19 -44.47
C SER B 232 8.57 -13.97 -43.60
N ARG B 233 9.71 -13.33 -43.80
CA ARG B 233 10.02 -12.13 -43.02
C ARG B 233 9.01 -11.07 -43.45
N ASP B 234 8.22 -10.59 -42.50
CA ASP B 234 7.20 -9.58 -42.78
C ASP B 234 7.85 -8.30 -43.32
N LYS B 235 7.09 -7.56 -44.14
CA LYS B 235 7.58 -6.31 -44.69
C LYS B 235 7.67 -5.35 -43.49
N LYS B 236 8.58 -4.38 -43.56
CA LYS B 236 8.72 -3.40 -42.50
C LYS B 236 9.17 -3.94 -41.14
N ASN B 237 9.98 -5.00 -41.16
CA ASN B 237 10.52 -5.58 -39.94
C ASN B 237 11.92 -6.09 -40.21
N GLU B 238 12.72 -5.24 -40.87
CA GLU B 238 14.10 -5.58 -41.19
C GLU B 238 14.94 -5.42 -39.93
N PRO B 239 15.97 -6.25 -39.77
CA PRO B 239 16.83 -6.16 -38.59
C PRO B 239 17.15 -4.71 -38.27
N ASN B 240 17.14 -4.37 -36.98
CA ASN B 240 17.42 -3.01 -36.53
C ASN B 240 18.94 -2.76 -36.42
N PRO B 241 19.48 -1.93 -37.31
CA PRO B 241 20.89 -1.54 -37.41
C PRO B 241 21.59 -1.20 -36.09
N GLN B 242 20.89 -0.45 -35.25
CA GLN B 242 21.49 -0.04 -33.98
C GLN B 242 21.09 -0.89 -32.79
N ARG B 243 20.62 -2.12 -33.02
CA ARG B 243 20.20 -2.97 -31.91
C ARG B 243 21.33 -3.41 -30.98
N PHE B 244 22.55 -3.52 -31.50
CA PHE B 244 23.66 -3.95 -30.66
C PHE B 244 24.18 -2.82 -29.77
N ASP B 245 24.13 -1.59 -30.26
CA ASP B 245 24.57 -0.45 -29.46
C ASP B 245 23.59 -0.27 -28.31
N ARG B 246 22.30 -0.34 -28.63
CA ARG B 246 21.24 -0.17 -27.65
C ARG B 246 21.28 -1.15 -26.49
N ILE B 247 21.43 -2.44 -26.77
CA ILE B 247 21.46 -3.41 -25.70
C ILE B 247 22.66 -3.22 -24.78
N ALA B 248 23.63 -2.41 -25.22
CA ALA B 248 24.83 -2.18 -24.42
C ALA B 248 24.67 -1.04 -23.41
N HIS B 249 23.59 -0.27 -23.53
CA HIS B 249 23.36 0.84 -22.62
C HIS B 249 22.01 0.76 -21.90
N THR B 250 21.55 -0.47 -21.69
CA THR B 250 20.27 -0.70 -21.01
C THR B 250 20.23 -0.16 -19.59
N LYS B 251 21.32 -0.35 -18.85
CA LYS B 251 21.39 0.11 -17.47
C LYS B 251 21.04 1.58 -17.33
N GLU B 252 21.32 2.36 -18.38
CA GLU B 252 21.04 3.79 -18.34
C GLU B 252 19.71 4.14 -19.00
N THR B 253 19.52 3.69 -20.25
CA THR B 253 18.30 3.96 -20.99
C THR B 253 17.03 3.44 -20.33
N MET B 254 17.12 2.31 -19.62
CA MET B 254 15.92 1.77 -18.98
C MET B 254 15.29 2.78 -18.04
N LEU B 255 16.10 3.75 -17.60
CA LEU B 255 15.61 4.78 -16.70
C LEU B 255 14.81 5.84 -17.46
N SER B 256 15.13 6.04 -18.72
CA SER B 256 14.44 7.05 -19.52
C SER B 256 13.52 6.48 -20.59
N ASP B 257 13.65 5.19 -20.88
CA ASP B 257 12.81 4.57 -21.88
C ASP B 257 12.00 3.43 -21.28
N GLY B 258 10.70 3.64 -21.12
CA GLY B 258 9.86 2.60 -20.54
C GLY B 258 8.43 3.07 -20.35
N LEU B 259 7.78 2.56 -19.32
CA LEU B 259 6.40 2.94 -19.02
C LEU B 259 6.34 4.44 -18.76
N ASN B 260 7.30 4.94 -18.01
CA ASN B 260 7.35 6.36 -17.68
C ASN B 260 7.32 7.24 -18.92
N SER B 261 7.81 6.73 -20.05
CA SER B 261 7.85 7.55 -21.26
C SER B 261 6.90 7.10 -22.37
N LEU B 262 6.14 6.04 -22.11
CA LEU B 262 5.21 5.52 -23.11
C LEU B 262 4.08 6.47 -23.51
N THR B 263 3.91 6.67 -24.81
CA THR B 263 2.85 7.52 -25.33
C THR B 263 2.26 6.80 -26.53
N TYR B 264 0.95 6.91 -26.72
CA TYR B 264 0.28 6.25 -27.84
C TYR B 264 -1.16 6.68 -27.98
N MET B 265 -1.71 6.47 -29.17
CA MET B 265 -3.08 6.82 -29.47
C MET B 265 -3.91 5.59 -29.89
N VAL B 266 -4.84 5.19 -29.03
CA VAL B 266 -5.71 4.06 -29.36
C VAL B 266 -6.68 4.56 -30.42
N LEU B 267 -6.73 3.86 -31.54
CA LEU B 267 -7.59 4.25 -32.65
C LEU B 267 -8.89 3.47 -32.65
N GLU B 268 -8.85 2.28 -32.06
CA GLU B 268 -10.02 1.40 -32.03
C GLU B 268 -9.84 0.22 -31.08
N VAL B 269 -10.92 -0.14 -30.40
CA VAL B 269 -10.92 -1.27 -29.50
C VAL B 269 -11.96 -2.22 -30.06
N GLN B 270 -11.56 -3.45 -30.37
CA GLN B 270 -12.50 -4.42 -30.91
C GLN B 270 -12.62 -5.59 -29.96
N ARG B 271 -13.86 -5.97 -29.65
CA ARG B 271 -14.07 -7.08 -28.76
C ARG B 271 -14.67 -8.22 -29.57
N TYR B 272 -13.90 -9.25 -29.83
CA TYR B 272 -14.42 -10.39 -30.56
C TYR B 272 -14.74 -11.43 -29.52
N PRO B 273 -15.51 -12.46 -29.88
CA PRO B 273 -15.80 -13.44 -28.83
C PRO B 273 -14.59 -14.17 -28.26
N LEU B 274 -13.52 -14.27 -29.03
CA LEU B 274 -12.33 -15.00 -28.55
C LEU B 274 -11.12 -14.17 -28.15
N TYR B 275 -11.18 -12.85 -28.35
CA TYR B 275 -10.06 -11.98 -28.02
C TYR B 275 -10.39 -10.52 -28.24
N THR B 276 -9.60 -9.66 -27.61
CA THR B 276 -9.75 -8.22 -27.75
C THR B 276 -8.61 -7.73 -28.63
N LYS B 277 -8.94 -6.97 -29.68
CA LYS B 277 -7.93 -6.42 -30.58
C LYS B 277 -7.90 -4.89 -30.45
N ILE B 278 -6.80 -4.35 -29.91
CA ILE B 278 -6.66 -2.91 -29.74
C ILE B 278 -5.70 -2.36 -30.78
N THR B 279 -6.23 -1.54 -31.69
CA THR B 279 -5.42 -0.95 -32.75
C THR B 279 -4.88 0.39 -32.29
N VAL B 280 -3.57 0.51 -32.26
CA VAL B 280 -2.93 1.73 -31.78
C VAL B 280 -1.91 2.35 -32.70
N ASP B 281 -1.79 3.67 -32.57
CA ASP B 281 -0.84 4.45 -33.32
C ASP B 281 0.28 4.69 -32.31
N ILE B 282 1.43 4.07 -32.56
CA ILE B 282 2.56 4.21 -31.65
C ILE B 282 3.62 5.17 -32.16
N GLY B 283 3.26 5.99 -33.13
CA GLY B 283 4.20 6.95 -33.66
C GLY B 283 5.24 6.33 -34.59
N THR B 284 6.31 7.09 -34.82
CA THR B 284 7.38 6.66 -35.70
C THR B 284 8.72 6.69 -34.98
N PRO B 285 9.71 5.98 -35.52
CA PRO B 285 11.04 5.95 -34.90
C PRO B 285 11.60 7.37 -34.72
N SER B 286 12.23 7.61 -33.59
CA SER B 286 12.79 8.93 -33.33
C SER B 286 14.09 9.09 -34.11
N THR C 1 -5.11 -5.89 35.91
CA THR C 1 -5.04 -5.30 37.28
C THR C 1 -4.72 -3.81 37.20
N GLU C 2 -5.63 -3.00 37.73
CA GLU C 2 -5.45 -1.55 37.70
C GLU C 2 -4.91 -1.12 39.06
N LEU C 3 -3.59 -1.12 39.18
CA LEU C 3 -2.90 -0.77 40.41
C LEU C 3 -3.11 0.69 40.83
N THR C 4 -2.50 1.05 41.95
CA THR C 4 -2.60 2.40 42.51
C THR C 4 -1.23 3.06 42.52
N LYS C 5 -1.22 4.39 42.57
CA LYS C 5 0.04 5.15 42.58
C LYS C 5 1.06 4.55 43.53
N CYS C 6 0.83 4.70 44.83
CA CYS C 6 1.75 4.17 45.83
C CYS C 6 2.10 2.72 45.53
N LYS C 7 1.09 1.92 45.20
CA LYS C 7 1.31 0.52 44.90
C LYS C 7 2.38 0.37 43.83
N VAL C 8 2.21 1.11 42.72
CA VAL C 8 3.16 1.08 41.62
C VAL C 8 4.52 1.58 42.11
N SER C 9 4.50 2.73 42.78
CA SER C 9 5.72 3.35 43.29
C SER C 9 6.56 2.39 44.14
N HIS C 10 5.93 1.39 44.73
CA HIS C 10 6.64 0.43 45.56
C HIS C 10 7.13 -0.74 44.72
N ALA C 11 6.23 -1.31 43.91
CA ALA C 11 6.57 -2.44 43.06
C ALA C 11 7.75 -2.17 42.14
N ILE C 12 8.04 -0.89 41.87
CA ILE C 12 9.14 -0.55 40.98
C ILE C 12 10.25 0.20 41.71
N LYS C 13 10.19 0.18 43.04
CA LYS C 13 11.19 0.83 43.88
C LYS C 13 12.58 0.42 43.43
N ASP C 14 12.66 -0.76 42.81
CA ASP C 14 13.91 -1.33 42.33
C ASP C 14 14.46 -0.65 41.07
N ILE C 15 13.82 0.44 40.63
CA ILE C 15 14.25 1.13 39.42
C ILE C 15 14.58 2.60 39.68
N ASP C 16 14.29 3.06 40.89
CA ASP C 16 14.53 4.44 41.28
C ASP C 16 15.92 4.94 40.86
N GLY C 17 16.01 6.21 40.53
CA GLY C 17 17.29 6.79 40.15
C GLY C 17 17.96 6.32 38.88
N TYR C 18 17.73 5.08 38.46
CA TYR C 18 18.37 4.59 37.25
C TYR C 18 18.20 5.53 36.06
N GLN C 19 19.29 5.76 35.33
CA GLN C 19 19.29 6.65 34.18
C GLN C 19 18.81 8.06 34.57
N GLY C 20 18.83 8.33 35.88
CA GLY C 20 18.43 9.63 36.38
C GLY C 20 16.94 9.88 36.62
N ILE C 21 16.13 8.83 36.56
CA ILE C 21 14.69 8.99 36.75
C ILE C 21 14.21 8.64 38.17
N SER C 22 13.42 9.53 38.76
CA SER C 22 12.90 9.32 40.10
C SER C 22 11.60 8.53 40.06
N LEU C 23 11.10 8.17 41.23
CA LEU C 23 9.83 7.43 41.30
C LEU C 23 8.69 8.40 41.05
N LEU C 24 8.94 9.68 41.27
CA LEU C 24 7.91 10.69 41.04
C LEU C 24 7.65 10.72 39.55
N GLU C 25 8.74 10.70 38.79
CA GLU C 25 8.67 10.74 37.34
C GLU C 25 8.04 9.48 36.76
N TRP C 26 8.34 8.33 37.34
CA TRP C 26 7.76 7.10 36.82
C TRP C 26 6.29 7.02 37.17
N ALA C 27 5.94 7.41 38.40
CA ALA C 27 4.55 7.41 38.81
C ALA C 27 3.77 8.18 37.76
N CYS C 28 4.26 9.38 37.48
CA CYS C 28 3.66 10.25 36.48
C CYS C 28 3.63 9.59 35.10
N VAL C 29 4.79 9.14 34.65
CA VAL C 29 4.89 8.49 33.35
C VAL C 29 3.96 7.29 33.21
N LEU C 30 3.93 6.43 34.21
CA LEU C 30 3.11 5.24 34.14
C LEU C 30 1.61 5.49 34.12
N PHE C 31 1.14 6.49 34.85
CA PHE C 31 -0.28 6.80 34.86
C PHE C 31 -0.74 7.21 33.46
N HIS C 32 0.10 7.98 32.76
CA HIS C 32 -0.25 8.43 31.43
C HIS C 32 0.04 7.40 30.36
N THR C 33 0.98 6.50 30.65
CA THR C 33 1.32 5.47 29.67
C THR C 33 0.34 4.31 29.68
N SER C 34 -0.06 3.84 30.87
CA SER C 34 -0.99 2.72 30.97
C SER C 34 -2.09 2.89 32.01
N GLY C 35 -2.07 3.99 32.75
CA GLY C 35 -3.08 4.18 33.77
C GLY C 35 -2.89 3.11 34.82
N TYR C 36 -1.63 2.72 35.00
CA TYR C 36 -1.26 1.71 35.97
C TYR C 36 -1.94 0.37 35.72
N ASP C 37 -2.36 0.11 34.49
CA ASP C 37 -2.99 -1.18 34.23
C ASP C 37 -1.96 -2.16 33.69
N THR C 38 -1.62 -3.17 34.50
CA THR C 38 -0.64 -4.19 34.14
C THR C 38 -1.00 -5.04 32.94
N GLN C 39 -2.29 -5.07 32.59
CA GLN C 39 -2.76 -5.87 31.46
C GLN C 39 -3.03 -5.03 30.21
N ALA C 40 -2.63 -3.77 30.26
CA ALA C 40 -2.86 -2.86 29.14
C ALA C 40 -2.25 -3.32 27.82
N VAL C 41 -3.03 -3.22 26.75
CA VAL C 41 -2.60 -3.61 25.42
C VAL C 41 -3.15 -2.58 24.43
N VAL C 42 -2.27 -1.93 23.68
CA VAL C 42 -2.70 -0.92 22.71
C VAL C 42 -2.05 -1.17 21.37
N ASN C 43 -2.77 -0.90 20.28
CA ASN C 43 -2.22 -1.13 18.96
C ASN C 43 -1.68 0.14 18.31
N ASP C 44 -0.46 0.50 18.68
CA ASP C 44 0.21 1.69 18.15
C ASP C 44 0.72 1.47 16.72
N ASN C 45 -0.12 1.80 15.75
CA ASN C 45 0.24 1.65 14.34
C ASN C 45 0.46 0.17 14.00
N GLY C 46 1.54 -0.13 13.30
CA GLY C 46 1.82 -1.51 12.92
C GLY C 46 2.23 -2.45 14.05
N SER C 47 2.50 -1.92 15.24
CA SER C 47 2.93 -2.76 16.35
C SER C 47 1.96 -2.76 17.52
N THR C 48 2.37 -3.40 18.62
CA THR C 48 1.54 -3.50 19.82
C THR C 48 2.39 -3.29 21.07
N GLU C 49 1.83 -2.61 22.06
CA GLU C 49 2.56 -2.32 23.30
C GLU C 49 1.89 -2.98 24.49
N TYR C 50 2.69 -3.62 25.34
CA TYR C 50 2.18 -4.36 26.48
C TYR C 50 2.50 -3.93 27.90
N GLY C 51 1.50 -4.06 28.76
CA GLY C 51 1.67 -3.78 30.18
C GLY C 51 1.83 -2.38 30.73
N LEU C 52 2.09 -2.37 32.03
CA LEU C 52 2.29 -1.14 32.78
C LEU C 52 3.20 -0.17 32.05
N PHE C 53 4.29 -0.69 31.48
CA PHE C 53 5.30 0.11 30.77
C PHE C 53 5.02 0.24 29.27
N GLN C 54 4.02 -0.45 28.78
CA GLN C 54 3.69 -0.40 27.36
C GLN C 54 4.90 -0.62 26.47
N ILE C 55 5.58 -1.74 26.71
CA ILE C 55 6.77 -2.15 25.97
C ILE C 55 6.30 -2.68 24.61
N SER C 56 6.87 -2.14 23.54
CA SER C 56 6.48 -2.52 22.19
C SER C 56 7.09 -3.83 21.71
N ASP C 57 6.35 -4.54 20.88
CA ASP C 57 6.84 -5.80 20.33
C ASP C 57 7.65 -5.56 19.06
N ARG C 58 7.67 -4.30 18.60
CA ARG C 58 8.42 -3.96 17.41
C ARG C 58 9.91 -4.22 17.60
N PHE C 59 10.40 -4.01 18.82
CA PHE C 59 11.82 -4.20 19.10
C PHE C 59 12.18 -4.89 20.40
N TRP C 60 11.37 -4.70 21.44
CA TRP C 60 11.71 -5.22 22.74
C TRP C 60 11.23 -6.56 23.23
N CYS C 61 10.08 -7.02 22.75
CA CYS C 61 9.58 -8.32 23.16
C CYS C 61 9.07 -9.09 21.96
N LYS C 62 9.01 -10.41 22.11
CA LYS C 62 8.54 -11.28 21.04
C LYS C 62 7.07 -11.59 21.21
N SER C 63 6.29 -11.39 20.16
CA SER C 63 4.87 -11.67 20.21
C SER C 63 4.51 -12.61 19.07
N SER C 64 3.22 -12.91 18.91
CA SER C 64 2.78 -13.79 17.85
C SER C 64 2.95 -13.12 16.51
N GLU C 65 2.48 -11.87 16.41
CA GLU C 65 2.58 -11.12 15.17
C GLU C 65 4.01 -10.76 14.79
N PHE C 66 4.93 -10.89 15.74
CA PHE C 66 6.33 -10.57 15.50
C PHE C 66 7.27 -11.66 16.02
N PRO C 67 7.25 -12.86 15.39
CA PRO C 67 8.12 -13.96 15.82
C PRO C 67 9.54 -13.61 15.36
N GLU C 68 9.59 -12.65 14.44
CA GLU C 68 10.84 -12.17 13.85
C GLU C 68 11.41 -10.94 14.57
N SER C 69 10.61 -10.32 15.41
CA SER C 69 11.05 -9.13 16.16
C SER C 69 12.45 -9.33 16.76
N GLU C 70 13.16 -8.22 16.94
CA GLU C 70 14.49 -8.23 17.51
C GLU C 70 14.45 -8.83 18.92
N ASN C 71 13.29 -8.70 19.56
CA ASN C 71 13.10 -9.20 20.92
C ASN C 71 14.33 -8.87 21.76
N ILE C 72 14.70 -7.60 21.78
CA ILE C 72 15.87 -7.15 22.53
C ILE C 72 15.84 -7.59 24.00
N CYS C 73 14.68 -7.51 24.64
CA CYS C 73 14.57 -7.89 26.04
C CYS C 73 14.55 -9.40 26.23
N GLY C 74 14.55 -10.15 25.14
CA GLY C 74 14.53 -11.59 25.22
C GLY C 74 13.44 -12.07 26.16
N ILE C 75 12.22 -11.62 25.89
CA ILE C 75 11.07 -11.94 26.71
C ILE C 75 9.83 -12.05 25.84
N SER C 76 8.92 -12.93 26.23
CA SER C 76 7.69 -13.07 25.48
C SER C 76 6.81 -11.90 25.91
N CYS C 77 6.21 -11.23 24.95
CA CYS C 77 5.37 -10.07 25.26
C CYS C 77 4.25 -10.40 26.25
N ASP C 78 3.83 -11.67 26.28
CA ASP C 78 2.76 -12.11 27.17
C ASP C 78 3.11 -12.04 28.65
N LYS C 79 4.39 -12.22 28.98
CA LYS C 79 4.83 -12.18 30.37
C LYS C 79 4.78 -10.75 30.90
N LEU C 80 4.49 -9.80 30.01
CA LEU C 80 4.40 -8.40 30.40
C LEU C 80 2.95 -8.04 30.67
N LEU C 81 2.12 -9.05 30.89
CA LEU C 81 0.71 -8.85 31.16
C LEU C 81 0.24 -9.44 32.50
N ASP C 82 1.12 -10.15 33.18
CA ASP C 82 0.76 -10.72 34.47
C ASP C 82 0.97 -9.67 35.55
N ASP C 83 0.99 -10.08 36.81
CA ASP C 83 1.18 -9.13 37.90
C ASP C 83 2.60 -9.11 38.48
N GLU C 84 3.53 -9.78 37.80
CA GLU C 84 4.92 -9.79 38.24
C GLU C 84 5.66 -8.81 37.35
N LEU C 85 5.94 -7.65 37.91
CA LEU C 85 6.59 -6.57 37.19
C LEU C 85 8.10 -6.68 37.19
N ASP C 86 8.61 -7.75 37.77
CA ASP C 86 10.05 -7.97 37.85
C ASP C 86 10.70 -7.95 36.47
N ASP C 87 10.12 -8.68 35.53
CA ASP C 87 10.66 -8.75 34.18
C ASP C 87 10.29 -7.53 33.34
N ASP C 88 9.28 -6.78 33.78
CA ASP C 88 8.87 -5.58 33.08
C ASP C 88 9.88 -4.51 33.44
N ILE C 89 10.19 -4.46 34.73
CA ILE C 89 11.15 -3.51 35.26
C ILE C 89 12.52 -3.75 34.62
N ALA C 90 12.84 -5.01 34.40
CA ALA C 90 14.12 -5.38 33.79
C ALA C 90 14.18 -4.90 32.35
N CYS C 91 13.13 -5.18 31.60
CA CYS C 91 13.07 -4.78 30.21
C CYS C 91 13.10 -3.26 30.13
N ALA C 92 12.34 -2.61 31.00
CA ALA C 92 12.30 -1.15 31.04
C ALA C 92 13.71 -0.63 31.20
N LYS C 93 14.48 -1.23 32.10
CA LYS C 93 15.85 -0.82 32.34
C LYS C 93 16.64 -0.87 31.04
N LYS C 94 16.51 -1.97 30.30
CA LYS C 94 17.23 -2.10 29.04
C LYS C 94 16.86 -0.98 28.08
N ILE C 95 15.55 -0.73 27.94
CA ILE C 95 15.07 0.35 27.08
C ILE C 95 15.68 1.68 27.56
N LEU C 96 15.82 1.82 28.87
CA LEU C 96 16.38 3.03 29.44
C LEU C 96 17.85 3.20 29.06
N ALA C 97 18.59 2.11 29.08
CA ALA C 97 20.02 2.13 28.75
C ALA C 97 20.28 2.22 27.26
N ILE C 98 19.44 1.56 26.48
CA ILE C 98 19.62 1.56 25.04
C ILE C 98 19.00 2.76 24.34
N LYS C 99 17.74 3.06 24.61
CA LYS C 99 17.09 4.18 23.95
C LYS C 99 16.95 5.42 24.83
N GLY C 100 16.69 5.22 26.11
CA GLY C 100 16.54 6.37 27.00
C GLY C 100 15.10 6.59 27.38
N ILE C 101 14.88 7.50 28.33
CA ILE C 101 13.55 7.80 28.84
C ILE C 101 12.55 8.24 27.77
N ASP C 102 13.05 8.77 26.66
CA ASP C 102 12.16 9.23 25.61
C ASP C 102 11.34 8.18 24.91
N TYR C 103 11.55 6.91 25.24
CA TYR C 103 10.74 5.85 24.64
C TYR C 103 9.32 6.10 25.14
N TRP C 104 9.22 6.55 26.38
CA TRP C 104 7.94 6.87 27.02
C TRP C 104 7.53 8.28 26.61
N LYS C 105 6.77 8.34 25.52
CA LYS C 105 6.28 9.58 24.93
C LYS C 105 5.60 10.57 25.87
N ALA C 106 5.05 10.07 26.96
CA ALA C 106 4.35 10.90 27.92
C ALA C 106 5.31 11.65 28.84
N TYR C 107 6.57 11.23 28.87
CA TYR C 107 7.53 11.85 29.76
C TYR C 107 7.75 13.35 29.60
N LYS C 108 8.23 13.76 28.43
CA LYS C 108 8.52 15.17 28.17
C LYS C 108 7.33 16.12 28.31
N PRO C 109 6.15 15.72 27.79
CA PRO C 109 4.97 16.60 27.90
C PRO C 109 4.15 16.58 29.18
N MET C 110 4.10 15.45 29.87
CA MET C 110 3.29 15.36 31.08
C MET C 110 4.10 15.29 32.37
N CYS C 111 5.37 14.95 32.28
CA CYS C 111 6.18 14.81 33.50
C CYS C 111 7.45 15.64 33.61
N SER C 112 7.43 16.87 33.10
CA SER C 112 8.59 17.76 33.17
C SER C 112 8.24 18.97 34.03
N GLU C 113 7.60 18.71 35.16
CA GLU C 113 7.17 19.74 36.09
C GLU C 113 6.10 19.11 36.98
N LYS C 114 5.74 19.81 38.03
CA LYS C 114 4.69 19.34 38.93
C LYS C 114 4.80 17.85 39.18
N LEU C 115 5.94 17.45 39.75
CA LEU C 115 6.18 16.06 40.05
C LEU C 115 5.88 15.77 41.51
N GLU C 116 5.92 16.81 42.33
CA GLU C 116 5.64 16.68 43.77
C GLU C 116 4.37 15.87 44.04
N GLN C 117 3.31 16.18 43.30
CA GLN C 117 2.02 15.51 43.42
C GLN C 117 2.07 14.01 43.19
N TRP C 118 3.04 13.58 42.37
CA TRP C 118 3.19 12.15 42.06
C TRP C 118 3.89 11.38 43.17
N ARG C 119 4.25 12.09 44.23
CA ARG C 119 4.93 11.49 45.37
C ARG C 119 4.03 10.63 46.22
N CYS C 120 4.56 9.50 46.69
CA CYS C 120 3.79 8.65 47.57
C CYS C 120 4.38 8.87 48.96
N GLU C 121 3.61 9.51 49.84
CA GLU C 121 4.03 9.81 51.21
C GLU C 121 4.02 8.54 52.05
N LYS C 122 3.18 7.59 51.64
CA LYS C 122 3.04 6.32 52.35
C LYS C 122 4.31 5.46 52.28
N PRO C 123 4.80 5.00 53.44
CA PRO C 123 6.00 4.17 53.55
C PRO C 123 6.03 2.96 52.61
N THR D 16 -37.08 38.34 43.20
CA THR D 16 -37.44 37.40 42.09
C THR D 16 -36.16 36.81 41.49
N ALA D 17 -35.01 37.41 41.79
CA ALA D 17 -33.73 36.90 41.28
C ALA D 17 -33.29 35.71 42.14
N CYS D 18 -32.80 34.65 41.50
CA CYS D 18 -32.38 33.47 42.25
C CYS D 18 -31.21 33.75 43.20
N PRO D 19 -31.19 33.08 44.35
CA PRO D 19 -30.14 33.25 45.37
C PRO D 19 -28.82 32.58 45.00
N GLU D 20 -27.73 33.13 45.54
CA GLU D 20 -26.39 32.61 45.30
C GLU D 20 -26.37 31.09 45.41
N GLU D 21 -26.99 30.56 46.46
CA GLU D 21 -27.05 29.13 46.64
C GLU D 21 -28.52 28.76 46.67
N SER D 22 -28.84 27.66 45.99
CA SER D 22 -30.20 27.19 45.93
C SER D 22 -30.66 26.52 47.22
N PRO D 23 -31.83 26.93 47.74
CA PRO D 23 -32.38 26.35 48.97
C PRO D 23 -32.88 24.91 48.76
N LEU D 24 -32.95 24.50 47.50
CA LEU D 24 -33.42 23.16 47.11
C LEU D 24 -32.39 22.02 47.24
N LEU D 25 -31.11 22.37 47.22
CA LEU D 25 -30.04 21.37 47.30
C LEU D 25 -30.23 20.37 48.44
N VAL D 26 -29.81 19.13 48.19
CA VAL D 26 -29.91 18.07 49.20
C VAL D 26 -28.57 17.48 49.59
N GLY D 27 -27.51 17.84 48.86
CA GLY D 27 -26.19 17.33 49.18
C GLY D 27 -25.83 15.99 48.55
N PRO D 28 -25.24 15.07 49.32
CA PRO D 28 -24.84 13.74 48.85
C PRO D 28 -26.04 12.93 48.34
N MET D 29 -25.82 12.11 47.32
CA MET D 29 -26.89 11.30 46.75
C MET D 29 -26.39 9.90 46.42
N LEU D 30 -27.33 8.95 46.37
CA LEU D 30 -26.95 7.58 46.06
C LEU D 30 -27.08 7.43 44.55
N ILE D 31 -25.97 7.07 43.89
CA ILE D 31 -25.98 6.90 42.45
C ILE D 31 -25.71 5.45 42.07
N GLU D 32 -26.72 4.81 41.48
CA GLU D 32 -26.60 3.41 41.08
C GLU D 32 -27.02 3.23 39.63
N PHE D 33 -26.37 2.31 38.94
CA PHE D 33 -26.70 2.06 37.54
C PHE D 33 -27.17 0.62 37.38
N ASN D 34 -27.89 0.13 38.39
CA ASN D 34 -28.39 -1.23 38.42
C ASN D 34 -29.85 -1.43 38.01
N ILE D 35 -30.63 -0.36 37.98
CA ILE D 35 -32.03 -0.47 37.57
C ILE D 35 -32.29 0.31 36.28
N PRO D 36 -32.45 -0.41 35.16
CA PRO D 36 -32.70 0.24 33.85
C PRO D 36 -33.76 1.32 34.00
N VAL D 37 -33.59 2.42 33.28
CA VAL D 37 -34.56 3.50 33.39
C VAL D 37 -35.54 3.56 32.23
N ASP D 38 -36.64 4.24 32.48
CA ASP D 38 -37.69 4.40 31.49
C ASP D 38 -37.83 5.89 31.28
N LEU D 39 -37.32 6.38 30.14
CA LEU D 39 -37.40 7.79 29.84
C LEU D 39 -38.81 8.33 29.97
N LYS D 40 -39.78 7.43 29.87
CA LYS D 40 -41.18 7.80 29.99
C LYS D 40 -41.46 8.17 31.44
N LEU D 41 -40.88 7.40 32.35
CA LEU D 41 -41.03 7.67 33.79
C LEU D 41 -40.27 8.95 34.15
N VAL D 42 -39.09 9.10 33.55
CA VAL D 42 -38.25 10.26 33.80
C VAL D 42 -38.97 11.53 33.37
N GLU D 43 -39.79 11.42 32.33
CA GLU D 43 -40.55 12.56 31.83
C GLU D 43 -41.67 12.92 32.78
N GLN D 44 -42.40 11.89 33.23
CA GLN D 44 -43.50 12.10 34.16
C GLN D 44 -42.95 12.73 35.44
N GLN D 45 -41.72 12.35 35.80
CA GLN D 45 -41.06 12.86 37.00
C GLN D 45 -40.57 14.31 36.88
N ASN D 46 -40.22 14.74 35.68
CA ASN D 46 -39.76 16.12 35.47
C ASN D 46 -40.63 16.91 34.49
N PRO D 47 -41.90 17.15 34.86
CA PRO D 47 -42.91 17.87 34.07
C PRO D 47 -42.54 19.28 33.63
N LYS D 48 -41.56 19.90 34.27
CA LYS D 48 -41.19 21.24 33.90
C LYS D 48 -40.19 21.33 32.75
N VAL D 49 -39.54 20.21 32.42
CA VAL D 49 -38.58 20.19 31.31
C VAL D 49 -39.36 20.25 29.98
N LYS D 50 -39.17 21.34 29.24
CA LYS D 50 -39.84 21.53 27.97
C LYS D 50 -39.23 20.72 26.82
N LEU D 51 -39.98 20.63 25.72
CA LEU D 51 -39.57 19.88 24.53
C LEU D 51 -38.19 20.34 24.07
N GLY D 52 -37.26 19.40 24.01
CA GLY D 52 -35.92 19.73 23.60
C GLY D 52 -34.97 19.77 24.78
N GLY D 53 -35.46 19.39 25.95
CA GLY D 53 -34.65 19.38 27.15
C GLY D 53 -34.34 20.75 27.71
N ARG D 54 -35.31 21.65 27.69
CA ARG D 54 -35.11 23.01 28.22
C ARG D 54 -35.86 23.19 29.52
N TYR D 55 -35.25 23.87 30.48
CA TYR D 55 -35.86 24.14 31.77
C TYR D 55 -35.47 25.52 32.26
N THR D 56 -36.46 26.27 32.71
CA THR D 56 -36.20 27.60 33.25
C THR D 56 -37.02 27.76 34.51
N PRO D 57 -36.36 28.14 35.61
CA PRO D 57 -37.05 28.33 36.89
C PRO D 57 -38.20 29.34 36.81
N MET D 58 -39.34 28.96 37.38
CA MET D 58 -40.53 29.81 37.41
C MET D 58 -40.41 30.82 38.55
N ASP D 59 -40.21 30.29 39.75
CA ASP D 59 -40.08 31.09 40.97
C ASP D 59 -39.10 32.26 40.92
N CYS D 60 -37.91 32.05 40.36
CA CYS D 60 -36.92 33.13 40.30
C CYS D 60 -36.23 33.28 38.95
N ILE D 61 -35.39 34.31 38.83
CA ILE D 61 -34.64 34.60 37.61
C ILE D 61 -33.18 34.19 37.74
N SER D 62 -32.77 33.18 36.98
CA SER D 62 -31.38 32.71 37.05
C SER D 62 -30.42 33.48 36.16
N PRO D 63 -29.20 33.75 36.65
CA PRO D 63 -28.22 34.48 35.86
C PRO D 63 -27.41 33.46 35.07
N HIS D 64 -27.69 32.18 35.32
CA HIS D 64 -26.99 31.09 34.66
C HIS D 64 -27.76 30.46 33.50
N LYS D 65 -27.44 30.90 32.28
CA LYS D 65 -28.06 30.35 31.07
C LYS D 65 -27.03 29.35 30.58
N VAL D 66 -27.22 28.10 31.00
CA VAL D 66 -26.28 27.04 30.70
C VAL D 66 -26.73 26.00 29.69
N ALA D 67 -25.84 25.73 28.74
CA ALA D 67 -26.07 24.74 27.71
C ALA D 67 -25.12 23.59 28.08
N ILE D 68 -25.68 22.43 28.33
CA ILE D 68 -24.87 21.28 28.68
C ILE D 68 -24.71 20.47 27.41
N ILE D 69 -23.46 20.28 27.00
CA ILE D 69 -23.13 19.58 25.77
C ILE D 69 -22.56 18.20 26.04
N ILE D 70 -23.19 17.19 25.46
CA ILE D 70 -22.72 15.82 25.66
C ILE D 70 -22.21 15.17 24.38
N PRO D 71 -20.89 14.87 24.30
CA PRO D 71 -20.31 14.23 23.11
C PRO D 71 -20.93 12.82 23.11
N PHE D 72 -21.33 12.32 21.95
CA PHE D 72 -22.02 11.05 21.94
C PHE D 72 -21.95 10.20 20.67
N ARG D 73 -22.12 8.89 20.88
CA ARG D 73 -22.19 7.87 19.83
C ARG D 73 -22.41 6.50 20.45
N ASN D 74 -23.56 5.91 20.16
CA ASN D 74 -23.89 4.58 20.67
C ASN D 74 -23.79 4.44 22.17
N ARG D 75 -24.29 5.41 22.90
CA ARG D 75 -24.26 5.36 24.34
C ARG D 75 -25.63 5.74 24.86
N GLN D 76 -26.66 5.19 24.24
CA GLN D 76 -28.04 5.48 24.61
C GLN D 76 -28.38 5.04 26.04
N GLU D 77 -27.84 3.92 26.48
CA GLU D 77 -28.15 3.47 27.83
C GLU D 77 -27.64 4.51 28.83
N HIS D 78 -26.37 4.85 28.72
CA HIS D 78 -25.76 5.84 29.61
C HIS D 78 -26.59 7.12 29.60
N LEU D 79 -27.03 7.55 28.43
CA LEU D 79 -27.82 8.77 28.29
C LEU D 79 -29.07 8.72 29.16
N LYS D 80 -29.73 7.56 29.20
CA LYS D 80 -30.94 7.42 29.98
C LYS D 80 -30.61 7.62 31.46
N TYR D 81 -29.53 7.01 31.90
CA TYR D 81 -29.09 7.16 33.29
C TYR D 81 -28.73 8.61 33.55
N TRP D 82 -27.97 9.22 32.63
CA TRP D 82 -27.54 10.60 32.76
C TRP D 82 -28.73 11.53 32.92
N LEU D 83 -29.74 11.31 32.08
CA LEU D 83 -30.93 12.14 32.11
C LEU D 83 -31.74 11.93 33.39
N TYR D 84 -31.93 10.67 33.78
CA TYR D 84 -32.68 10.34 34.99
C TYR D 84 -32.12 11.10 36.21
N TYR D 85 -30.81 11.05 36.37
CA TYR D 85 -30.15 11.72 37.49
C TYR D 85 -29.98 13.23 37.33
N LEU D 86 -29.42 13.68 36.21
CA LEU D 86 -29.17 15.10 36.01
C LEU D 86 -30.33 16.07 35.95
N HIS D 87 -31.44 15.71 35.31
CA HIS D 87 -32.56 16.65 35.24
C HIS D 87 -33.03 17.17 36.61
N PRO D 88 -33.26 16.28 37.58
CA PRO D 88 -33.70 16.81 38.87
C PRO D 88 -32.60 17.64 39.57
N ILE D 89 -31.36 17.23 39.41
CA ILE D 89 -30.25 17.95 40.01
C ILE D 89 -30.16 19.36 39.43
N LEU D 90 -30.10 19.44 38.11
CA LEU D 90 -30.01 20.71 37.41
C LEU D 90 -31.17 21.65 37.76
N GLN D 91 -32.32 21.08 38.08
CA GLN D 91 -33.46 21.91 38.45
C GLN D 91 -33.29 22.42 39.89
N ARG D 92 -32.81 21.56 40.78
CA ARG D 92 -32.59 22.00 42.15
C ARG D 92 -31.54 23.11 42.11
N GLN D 93 -30.61 23.04 41.16
CA GLN D 93 -29.56 24.06 41.05
C GLN D 93 -30.08 25.35 40.44
N GLN D 94 -31.38 25.40 40.16
CA GLN D 94 -32.02 26.60 39.62
C GLN D 94 -31.31 27.22 38.42
N LEU D 95 -30.97 26.37 37.46
CA LEU D 95 -30.29 26.81 36.25
C LEU D 95 -31.28 26.96 35.10
N ASP D 96 -31.04 27.91 34.21
CA ASP D 96 -31.85 28.11 33.00
C ASP D 96 -31.01 27.30 32.00
N TYR D 97 -31.33 26.01 31.86
CA TYR D 97 -30.52 25.13 31.00
C TYR D 97 -31.17 24.39 29.84
N GLY D 98 -30.30 23.85 28.98
CA GLY D 98 -30.70 23.07 27.82
C GLY D 98 -29.73 21.90 27.66
N ILE D 99 -30.25 20.71 27.32
CA ILE D 99 -29.41 19.54 27.17
C ILE D 99 -29.17 19.26 25.69
N TYR D 100 -27.89 19.14 25.32
CA TYR D 100 -27.53 18.88 23.93
C TYR D 100 -26.65 17.67 23.77
N VAL D 101 -27.15 16.67 23.05
CA VAL D 101 -26.39 15.46 22.78
C VAL D 101 -25.87 15.63 21.34
N ILE D 102 -24.55 15.70 21.17
CA ILE D 102 -23.96 15.86 19.84
C ILE D 102 -23.51 14.48 19.38
N ASN D 103 -24.28 13.93 18.45
CA ASN D 103 -24.08 12.60 17.92
C ASN D 103 -23.18 12.54 16.69
N GLN D 104 -22.07 11.81 16.82
CA GLN D 104 -21.13 11.68 15.71
C GLN D 104 -21.65 10.63 14.74
N ALA D 105 -21.96 11.06 13.52
CA ALA D 105 -22.44 10.14 12.50
C ALA D 105 -21.23 9.42 11.90
N GLY D 106 -21.45 8.21 11.40
CA GLY D 106 -20.36 7.48 10.77
C GLY D 106 -19.58 6.52 11.64
N GLU D 107 -18.55 5.93 11.03
CA GLU D 107 -17.69 4.95 11.68
C GLU D 107 -16.22 5.32 11.87
N SER D 108 -15.82 6.54 11.55
CA SER D 108 -14.42 6.89 11.74
C SER D 108 -14.14 7.12 13.23
N MET D 109 -12.88 7.29 13.60
CA MET D 109 -12.50 7.50 15.00
C MET D 109 -13.28 8.62 15.71
N PHE D 110 -13.63 8.40 16.97
CA PHE D 110 -14.39 9.36 17.76
C PHE D 110 -13.62 10.63 18.07
N ASN D 111 -14.26 11.77 17.81
CA ASN D 111 -13.64 13.06 18.05
C ASN D 111 -14.41 13.84 19.10
N ARG D 112 -14.18 13.53 20.37
CA ARG D 112 -14.85 14.17 21.50
C ARG D 112 -14.83 15.71 21.48
N ALA D 113 -13.64 16.28 21.41
CA ALA D 113 -13.47 17.72 21.41
C ALA D 113 -14.21 18.45 20.28
N LYS D 114 -14.17 17.87 19.08
CA LYS D 114 -14.84 18.48 17.94
C LYS D 114 -16.36 18.46 18.09
N LEU D 115 -16.88 17.40 18.69
CA LEU D 115 -18.32 17.30 18.93
C LEU D 115 -18.69 18.39 19.91
N LEU D 116 -17.82 18.62 20.89
CA LEU D 116 -18.05 19.66 21.89
C LEU D 116 -18.13 21.03 21.19
N ASN D 117 -17.20 21.33 20.29
CA ASN D 117 -17.25 22.62 19.58
C ASN D 117 -18.59 22.79 18.88
N VAL D 118 -19.03 21.73 18.21
CA VAL D 118 -20.30 21.72 17.49
C VAL D 118 -21.42 22.08 18.45
N GLY D 119 -21.40 21.47 19.63
CA GLY D 119 -22.43 21.74 20.61
C GLY D 119 -22.47 23.21 20.93
N PHE D 120 -21.31 23.79 21.18
CA PHE D 120 -21.21 25.22 21.47
C PHE D 120 -21.89 26.03 20.38
N LYS D 121 -21.53 25.75 19.13
CA LYS D 121 -22.10 26.47 17.98
C LYS D 121 -23.60 26.24 17.80
N GLU D 122 -24.01 24.98 17.85
CA GLU D 122 -25.42 24.65 17.67
C GLU D 122 -26.33 25.17 18.78
N ALA D 123 -25.86 25.09 20.02
CA ALA D 123 -26.63 25.55 21.17
C ALA D 123 -26.94 27.03 21.08
N LEU D 124 -25.93 27.82 20.70
CA LEU D 124 -26.11 29.26 20.58
C LEU D 124 -27.20 29.61 19.57
N LYS D 125 -27.42 28.74 18.60
CA LYS D 125 -28.46 29.01 17.62
C LYS D 125 -29.84 29.02 18.27
N ASP D 126 -29.99 28.33 19.40
CA ASP D 126 -31.27 28.25 20.08
C ASP D 126 -31.55 29.32 21.12
N TYR D 127 -30.55 29.66 21.93
CA TYR D 127 -30.74 30.60 23.02
C TYR D 127 -29.46 31.38 23.28
N ASP D 128 -29.56 32.50 23.99
CA ASP D 128 -28.38 33.31 24.29
C ASP D 128 -27.69 32.78 25.55
N TYR D 129 -27.08 31.61 25.43
CA TYR D 129 -26.38 30.97 26.52
C TYR D 129 -25.12 31.75 26.84
N ASN D 130 -24.78 31.83 28.12
CA ASN D 130 -23.57 32.54 28.52
C ASN D 130 -22.61 31.57 29.18
N CYS D 131 -23.10 30.37 29.47
CA CYS D 131 -22.29 29.36 30.12
C CYS D 131 -22.40 27.98 29.43
N PHE D 132 -21.29 27.26 29.39
CA PHE D 132 -21.25 25.96 28.75
C PHE D 132 -20.62 24.86 29.58
N VAL D 133 -21.41 23.83 29.85
CA VAL D 133 -20.92 22.68 30.60
C VAL D 133 -20.70 21.56 29.60
N PHE D 134 -19.50 21.01 29.58
CA PHE D 134 -19.17 19.92 28.68
C PHE D 134 -19.06 18.66 29.53
N SER D 135 -19.98 17.73 29.30
CA SER D 135 -20.03 16.52 30.08
C SER D 135 -20.07 15.24 29.29
N ASP D 136 -19.31 14.24 29.75
CA ASP D 136 -19.31 12.94 29.12
C ASP D 136 -20.67 12.33 29.54
N VAL D 137 -21.23 11.44 28.74
CA VAL D 137 -22.52 10.82 29.04
C VAL D 137 -22.49 9.94 30.26
N ASP D 138 -21.33 9.40 30.58
CA ASP D 138 -21.24 8.46 31.69
C ASP D 138 -20.77 8.98 33.04
N LEU D 139 -20.83 10.29 33.26
CA LEU D 139 -20.41 10.81 34.55
C LEU D 139 -21.56 11.44 35.31
N ILE D 140 -21.79 10.97 36.52
CA ILE D 140 -22.88 11.51 37.32
C ILE D 140 -22.38 12.09 38.63
N PRO D 141 -22.71 13.35 38.90
CA PRO D 141 -22.30 14.04 40.12
C PRO D 141 -23.06 13.49 41.34
N MET D 142 -22.33 13.17 42.41
CA MET D 142 -22.94 12.62 43.62
C MET D 142 -23.34 13.63 44.68
N ASN D 143 -23.17 14.92 44.40
CA ASN D 143 -23.52 15.97 45.36
C ASN D 143 -24.00 17.16 44.55
N ASP D 144 -25.25 17.56 44.75
CA ASP D 144 -25.78 18.68 43.98
C ASP D 144 -25.22 20.04 44.38
N HIS D 145 -24.23 20.06 45.26
CA HIS D 145 -23.59 21.32 45.63
C HIS D 145 -22.53 21.58 44.55
N ASN D 146 -22.21 20.54 43.77
CA ASN D 146 -21.24 20.66 42.68
C ASN D 146 -22.02 21.25 41.50
N THR D 147 -22.30 22.55 41.58
CA THR D 147 -23.08 23.28 40.59
C THR D 147 -22.58 23.24 39.15
N TYR D 148 -23.50 23.00 38.22
CA TYR D 148 -23.17 22.95 36.80
C TYR D 148 -23.36 24.31 36.17
N ARG D 149 -22.42 25.21 36.48
CA ARG D 149 -22.44 26.56 35.91
C ARG D 149 -21.03 27.12 35.79
N CYS D 150 -20.91 28.38 35.41
CA CYS D 150 -19.61 28.99 35.20
C CYS D 150 -19.12 29.85 36.37
N PHE D 151 -17.80 29.96 36.51
CA PHE D 151 -17.19 30.75 37.58
C PHE D 151 -16.20 31.75 37.02
N SER D 152 -15.54 32.51 37.90
CA SER D 152 -14.58 33.51 37.45
C SER D 152 -13.39 32.87 36.74
N GLN D 153 -13.23 31.56 36.90
CA GLN D 153 -12.16 30.81 36.22
C GLN D 153 -12.76 29.54 35.60
N PRO D 154 -12.15 29.03 34.52
CA PRO D 154 -12.67 27.80 33.91
C PRO D 154 -12.92 26.78 35.03
N ARG D 155 -14.07 26.15 35.00
CA ARG D 155 -14.48 25.22 36.04
C ARG D 155 -14.37 23.72 35.76
N HIS D 156 -13.57 23.01 36.56
CA HIS D 156 -13.46 21.57 36.40
C HIS D 156 -14.48 20.99 37.38
N ILE D 157 -15.37 20.14 36.88
CA ILE D 157 -16.43 19.58 37.73
C ILE D 157 -16.25 18.12 38.17
N SER D 158 -15.86 17.24 37.28
CA SER D 158 -15.67 15.84 37.65
C SER D 158 -14.30 15.68 38.31
N VAL D 159 -14.15 16.29 39.48
CA VAL D 159 -12.89 16.28 40.21
C VAL D 159 -12.54 15.05 41.04
N ALA D 160 -13.55 14.37 41.56
CA ALA D 160 -13.31 13.19 42.38
C ALA D 160 -14.10 11.97 41.89
N MET D 161 -13.63 11.38 40.79
CA MET D 161 -14.25 10.21 40.18
C MET D 161 -13.89 8.91 40.89
N ASP D 162 -14.82 7.95 40.89
CA ASP D 162 -14.57 6.67 41.53
C ASP D 162 -13.45 5.92 40.82
N LYS D 163 -13.41 6.05 39.50
CA LYS D 163 -12.40 5.40 38.68
C LYS D 163 -10.99 5.76 39.12
N PHE D 164 -10.86 6.88 39.82
CA PHE D 164 -9.57 7.36 40.29
C PHE D 164 -9.52 7.39 41.81
N GLY D 165 -10.32 6.54 42.44
CA GLY D 165 -10.34 6.50 43.89
C GLY D 165 -10.88 7.76 44.52
N PHE D 166 -11.94 8.32 43.93
CA PHE D 166 -12.56 9.54 44.45
C PHE D 166 -11.56 10.64 44.66
N SER D 167 -10.57 10.68 43.78
CA SER D 167 -9.51 11.69 43.82
C SER D 167 -9.27 12.25 42.42
N LEU D 168 -8.52 13.34 42.38
CA LEU D 168 -8.16 13.97 41.12
C LEU D 168 -6.94 13.18 40.68
N PRO D 169 -6.99 12.59 39.48
CA PRO D 169 -5.83 11.81 38.99
C PRO D 169 -4.55 12.64 38.92
N TYR D 170 -4.63 13.82 38.32
CA TYR D 170 -3.47 14.72 38.25
C TYR D 170 -4.00 16.16 38.25
N VAL D 171 -3.27 17.05 38.92
CA VAL D 171 -3.70 18.44 39.04
C VAL D 171 -3.96 19.15 37.72
N GLN D 172 -3.34 18.68 36.64
CA GLN D 172 -3.54 19.30 35.32
C GLN D 172 -4.73 18.68 34.58
N TYR D 173 -5.46 17.78 35.24
CA TYR D 173 -6.58 17.10 34.61
C TYR D 173 -7.84 17.96 34.42
N PHE D 174 -8.30 18.04 33.18
CA PHE D 174 -9.47 18.83 32.83
C PHE D 174 -10.51 18.03 32.04
N GLY D 175 -10.50 16.70 32.18
CA GLY D 175 -11.45 15.88 31.45
C GLY D 175 -12.74 15.55 32.19
N GLY D 176 -13.62 14.81 31.54
CA GLY D 176 -14.88 14.41 32.16
C GLY D 176 -16.00 15.43 32.05
N VAL D 177 -16.05 16.33 33.01
CA VAL D 177 -17.07 17.37 33.04
C VAL D 177 -16.41 18.68 33.43
N SER D 178 -16.53 19.69 32.58
CA SER D 178 -15.96 20.98 32.89
C SER D 178 -16.87 22.07 32.34
N ALA D 179 -16.67 23.30 32.79
CA ALA D 179 -17.49 24.39 32.30
C ALA D 179 -16.68 25.64 32.03
N LEU D 180 -17.13 26.40 31.05
CA LEU D 180 -16.51 27.65 30.67
C LEU D 180 -17.59 28.60 30.25
N SER D 181 -17.42 29.87 30.59
CA SER D 181 -18.38 30.88 30.19
C SER D 181 -18.16 31.01 28.69
N LYS D 182 -19.12 31.64 28.00
CA LYS D 182 -19.02 31.83 26.56
C LYS D 182 -17.73 32.58 26.21
N GLN D 183 -17.42 33.60 26.99
CA GLN D 183 -16.22 34.38 26.74
C GLN D 183 -14.93 33.63 27.05
N GLN D 184 -14.94 32.80 28.09
CA GLN D 184 -13.73 32.07 28.45
C GLN D 184 -13.43 31.10 27.31
N PHE D 185 -14.49 30.49 26.78
CA PHE D 185 -14.37 29.53 25.68
C PHE D 185 -13.86 30.22 24.41
N LEU D 186 -14.47 31.36 24.06
CA LEU D 186 -14.09 32.11 22.88
C LEU D 186 -12.64 32.56 22.94
N SER D 187 -12.17 32.87 24.14
CA SER D 187 -10.82 33.36 24.33
C SER D 187 -9.71 32.35 24.00
N ILE D 188 -10.02 31.06 24.02
CA ILE D 188 -9.02 30.06 23.69
C ILE D 188 -9.27 29.47 22.31
N ASN D 189 -10.04 30.19 21.49
CA ASN D 189 -10.40 29.73 20.16
C ASN D 189 -11.08 28.36 20.23
N GLY D 190 -11.90 28.18 21.26
CA GLY D 190 -12.61 26.93 21.43
C GLY D 190 -11.68 25.77 21.70
N PHE D 191 -12.11 24.56 21.37
CA PHE D 191 -11.30 23.38 21.58
C PHE D 191 -10.66 22.94 20.25
N PRO D 192 -9.72 21.98 20.29
CA PRO D 192 -9.09 21.54 19.04
C PRO D 192 -10.02 20.60 18.25
N ASN D 193 -9.85 20.57 16.93
CA ASN D 193 -10.66 19.70 16.07
C ASN D 193 -9.86 18.49 15.58
N ASN D 194 -8.55 18.58 15.71
CA ASN D 194 -7.62 17.55 15.25
C ASN D 194 -7.27 16.37 16.15
N TYR D 195 -8.01 16.18 17.23
CA TYR D 195 -7.74 15.04 18.11
C TYR D 195 -8.72 13.91 17.83
N TRP D 196 -8.26 12.91 17.08
CA TRP D 196 -9.10 11.76 16.76
C TRP D 196 -8.63 10.60 17.60
N GLY D 197 -9.57 9.83 18.14
CA GLY D 197 -9.18 8.71 18.98
C GLY D 197 -9.13 9.20 20.40
N ALA D 198 -8.98 8.29 21.36
CA ALA D 198 -8.97 8.68 22.75
C ALA D 198 -7.71 9.32 23.29
N GLY D 199 -7.90 10.19 24.28
CA GLY D 199 -6.79 10.84 24.98
C GLY D 199 -6.14 12.11 24.47
N GLY D 200 -5.75 12.94 25.43
CA GLY D 200 -5.06 14.18 25.12
C GLY D 200 -5.79 15.46 24.79
N GLU D 201 -6.99 15.38 24.20
CA GLU D 201 -7.71 16.60 23.85
C GLU D 201 -8.01 17.46 25.07
N ASP D 202 -8.35 16.83 26.19
CA ASP D 202 -8.63 17.59 27.40
C ASP D 202 -7.35 18.22 27.94
N ASP D 203 -6.21 17.60 27.68
CA ASP D 203 -4.95 18.17 28.14
C ASP D 203 -4.61 19.38 27.27
N ASP D 204 -4.85 19.26 25.97
CA ASP D 204 -4.61 20.33 25.02
C ASP D 204 -5.45 21.53 25.45
N ILE D 205 -6.68 21.24 25.87
CA ILE D 205 -7.61 22.28 26.32
C ILE D 205 -7.05 22.96 27.56
N TYR D 206 -6.54 22.15 28.47
CA TYR D 206 -5.96 22.65 29.71
C TYR D 206 -4.83 23.61 29.34
N ASN D 207 -3.97 23.19 28.41
CA ASN D 207 -2.85 24.01 27.97
C ASN D 207 -3.36 25.33 27.42
N ARG D 208 -4.45 25.29 26.65
CA ARG D 208 -4.99 26.52 26.10
C ARG D 208 -5.34 27.53 27.17
N LEU D 209 -5.97 27.06 28.24
CA LEU D 209 -6.35 27.95 29.33
C LEU D 209 -5.13 28.66 29.93
N ALA D 210 -4.08 27.90 30.20
CA ALA D 210 -2.87 28.47 30.78
C ALA D 210 -2.25 29.45 29.77
N PHE D 211 -2.18 29.06 28.51
CA PHE D 211 -1.62 29.92 27.47
C PHE D 211 -2.46 31.18 27.27
N ARG D 212 -3.55 31.30 28.01
CA ARG D 212 -4.40 32.48 27.93
C ARG D 212 -4.58 33.10 29.30
N GLY D 213 -3.68 32.75 30.20
CA GLY D 213 -3.71 33.30 31.55
C GLY D 213 -4.85 32.92 32.45
N MET D 214 -5.49 31.78 32.19
CA MET D 214 -6.60 31.36 33.02
C MET D 214 -6.19 30.17 33.88
N SER D 215 -6.72 30.12 35.09
CA SER D 215 -6.42 29.01 35.98
C SER D 215 -7.68 28.13 36.03
N VAL D 216 -7.61 27.05 36.79
CA VAL D 216 -8.72 26.12 36.90
C VAL D 216 -9.37 26.13 38.28
N SER D 217 -10.65 26.44 38.32
CA SER D 217 -11.39 26.47 39.59
C SER D 217 -12.03 25.09 39.82
N ARG D 218 -12.12 24.68 41.09
CA ARG D 218 -12.70 23.38 41.43
C ARG D 218 -13.37 23.31 42.80
N PRO D 219 -14.42 22.49 42.91
CA PRO D 219 -15.09 22.34 44.21
C PRO D 219 -14.17 21.35 44.94
N ASN D 220 -14.29 21.23 46.26
CA ASN D 220 -13.41 20.29 46.95
C ASN D 220 -13.75 18.82 46.60
N ALA D 221 -12.87 17.91 46.99
CA ALA D 221 -13.05 16.48 46.69
C ALA D 221 -14.28 15.81 47.31
N VAL D 222 -14.92 16.44 48.29
CA VAL D 222 -16.09 15.81 48.88
C VAL D 222 -17.33 16.16 48.07
N ILE D 223 -17.58 17.44 47.83
CA ILE D 223 -18.75 17.81 47.06
C ILE D 223 -18.57 17.49 45.57
N GLY D 224 -17.33 17.21 45.17
CA GLY D 224 -17.03 16.91 43.79
C GLY D 224 -16.97 15.42 43.45
N LYS D 225 -17.44 14.57 44.35
CA LYS D 225 -17.44 13.12 44.09
C LYS D 225 -18.29 12.86 42.86
N THR D 226 -17.79 12.04 41.96
CA THR D 226 -18.49 11.72 40.73
C THR D 226 -18.45 10.24 40.39
N ARG D 227 -19.60 9.69 40.02
CA ARG D 227 -19.69 8.28 39.64
C ARG D 227 -19.69 8.08 38.13
N MET D 228 -18.92 7.11 37.67
CA MET D 228 -18.84 6.81 36.26
C MET D 228 -19.49 5.47 35.96
N ILE D 229 -20.30 5.42 34.91
CA ILE D 229 -20.93 4.17 34.50
C ILE D 229 -19.83 3.35 33.84
N ARG D 230 -19.62 2.14 34.33
CA ARG D 230 -18.57 1.29 33.77
C ARG D 230 -18.90 0.81 32.37
N HIS D 231 -17.87 0.54 31.59
CA HIS D 231 -18.03 0.09 30.21
C HIS D 231 -16.69 -0.39 29.66
N SER D 232 -16.73 -1.07 28.52
CA SER D 232 -15.50 -1.56 27.90
C SER D 232 -15.06 -0.51 26.88
N ARG D 233 -13.83 -0.65 26.39
CA ARG D 233 -13.29 0.30 25.41
C ARG D 233 -14.08 0.28 24.11
N ASP D 234 -14.81 1.37 23.84
CA ASP D 234 -15.62 1.50 22.64
C ASP D 234 -14.71 1.54 21.42
N LYS D 235 -14.42 0.38 20.85
CA LYS D 235 -13.58 0.33 19.67
C LYS D 235 -14.12 1.38 18.70
N LYS D 236 -13.20 2.02 17.98
CA LYS D 236 -13.49 3.08 17.02
C LYS D 236 -13.08 4.37 17.73
N ASN D 237 -12.50 4.18 18.91
CA ASN D 237 -12.00 5.26 19.75
C ASN D 237 -10.78 4.73 20.48
N GLU D 238 -9.86 4.18 19.69
CA GLU D 238 -8.62 3.61 20.19
C GLU D 238 -7.65 4.73 20.60
N PRO D 239 -6.78 4.44 21.56
CA PRO D 239 -5.81 5.44 22.03
C PRO D 239 -5.08 6.09 20.85
N ASN D 240 -5.13 7.42 20.81
CA ASN D 240 -4.47 8.21 19.76
C ASN D 240 -2.97 8.07 19.92
N PRO D 241 -2.29 7.43 18.95
CA PRO D 241 -0.83 7.22 18.97
C PRO D 241 -0.01 8.51 18.99
N GLN D 242 -0.58 9.61 18.51
CA GLN D 242 0.15 10.86 18.47
C GLN D 242 -0.37 11.92 19.43
N ARG D 243 -1.16 11.51 20.41
CA ARG D 243 -1.70 12.48 21.36
C ARG D 243 -0.61 13.22 22.12
N PHE D 244 0.47 12.53 22.45
CA PHE D 244 1.55 13.15 23.20
C PHE D 244 2.27 14.26 22.45
N ASP D 245 2.48 14.07 21.15
CA ASP D 245 3.14 15.12 20.38
C ASP D 245 2.23 16.33 20.28
N ARG D 246 0.97 16.07 19.95
CA ARG D 246 -0.02 17.12 19.79
C ARG D 246 -0.13 18.05 20.97
N ILE D 247 -0.20 17.51 22.18
CA ILE D 247 -0.32 18.37 23.35
C ILE D 247 0.97 19.16 23.60
N ALA D 248 2.03 18.81 22.88
CA ALA D 248 3.31 19.49 23.06
C ALA D 248 3.40 20.77 22.23
N HIS D 249 2.52 20.89 21.24
CA HIS D 249 2.52 22.05 20.37
C HIS D 249 1.19 22.81 20.38
N THR D 250 0.55 22.83 21.54
CA THR D 250 -0.72 23.51 21.69
C THR D 250 -0.58 25.02 21.53
N LYS D 251 0.49 25.59 22.07
CA LYS D 251 0.67 27.03 21.99
C LYS D 251 0.58 27.51 20.54
N GLU D 252 1.23 26.79 19.64
CA GLU D 252 1.20 27.16 18.24
C GLU D 252 -0.12 26.73 17.58
N THR D 253 -0.46 25.44 17.66
CA THR D 253 -1.68 24.92 17.04
C THR D 253 -3.02 25.50 17.48
N MET D 254 -3.13 25.96 18.73
CA MET D 254 -4.41 26.49 19.17
C MET D 254 -4.83 27.70 18.35
N LEU D 255 -3.88 28.28 17.64
CA LEU D 255 -4.15 29.44 16.80
C LEU D 255 -4.77 29.06 15.46
N SER D 256 -4.39 27.92 14.93
CA SER D 256 -4.89 27.45 13.64
C SER D 256 -5.99 26.40 13.71
N ASP D 257 -6.11 25.73 14.85
CA ASP D 257 -7.11 24.68 15.03
C ASP D 257 -8.08 24.96 16.18
N GLY D 258 -9.33 25.25 15.82
CA GLY D 258 -10.34 25.54 16.82
C GLY D 258 -11.62 26.09 16.22
N LEU D 259 -12.29 26.97 16.95
CA LEU D 259 -13.53 27.56 16.45
C LEU D 259 -13.39 28.20 15.09
N ASN D 260 -12.23 28.81 14.83
CA ASN D 260 -12.02 29.47 13.55
C ASN D 260 -11.79 28.53 12.37
N SER D 261 -11.65 27.23 12.63
CA SER D 261 -11.42 26.28 11.56
C SER D 261 -12.45 25.15 11.60
N LEU D 262 -13.43 25.29 12.49
CA LEU D 262 -14.48 24.29 12.64
C LEU D 262 -15.30 24.14 11.36
N THR D 263 -15.50 22.88 10.96
CA THR D 263 -16.24 22.58 9.75
C THR D 263 -17.06 21.30 9.98
N TYR D 264 -18.32 21.30 9.58
CA TYR D 264 -19.18 20.14 9.78
C TYR D 264 -20.54 20.31 9.11
N MET D 265 -21.30 19.22 9.00
CA MET D 265 -22.63 19.28 8.41
C MET D 265 -23.66 18.71 9.36
N VAL D 266 -24.77 19.43 9.52
CA VAL D 266 -25.84 18.93 10.39
C VAL D 266 -26.69 18.00 9.54
N LEU D 267 -26.76 16.74 9.95
CA LEU D 267 -27.57 15.74 9.23
C LEU D 267 -28.99 15.67 9.79
N GLU D 268 -29.14 15.96 11.08
CA GLU D 268 -30.44 15.91 11.72
C GLU D 268 -30.47 16.54 13.13
N VAL D 269 -31.50 17.33 13.40
CA VAL D 269 -31.67 17.92 14.71
C VAL D 269 -32.91 17.24 15.27
N GLN D 270 -32.76 16.56 16.40
CA GLN D 270 -33.86 15.84 17.03
C GLN D 270 -34.27 16.44 18.37
N ARG D 271 -35.52 16.89 18.48
CA ARG D 271 -36.04 17.43 19.73
C ARG D 271 -36.89 16.39 20.43
N TYR D 272 -36.36 15.81 21.50
CA TYR D 272 -37.12 14.85 22.28
C TYR D 272 -37.61 15.63 23.48
N PRO D 273 -38.48 15.04 24.31
CA PRO D 273 -38.98 15.78 25.47
C PRO D 273 -37.92 16.17 26.51
N LEU D 274 -36.95 15.28 26.74
CA LEU D 274 -35.90 15.51 27.73
C LEU D 274 -34.53 16.01 27.21
N TYR D 275 -34.40 16.21 25.90
CA TYR D 275 -33.13 16.67 25.34
C TYR D 275 -33.15 16.91 23.83
N THR D 276 -32.11 17.54 23.34
CA THR D 276 -31.95 17.83 21.92
C THR D 276 -30.79 17.00 21.41
N LYS D 277 -31.00 16.29 20.30
CA LYS D 277 -29.95 15.45 19.74
C LYS D 277 -29.61 15.92 18.34
N ILE D 278 -28.35 16.29 18.15
CA ILE D 278 -27.89 16.78 16.86
C ILE D 278 -26.89 15.80 16.27
N THR D 279 -27.27 15.17 15.16
CA THR D 279 -26.39 14.22 14.51
C THR D 279 -25.60 14.98 13.46
N VAL D 280 -24.28 14.89 13.52
CA VAL D 280 -23.43 15.61 12.58
C VAL D 280 -22.35 14.78 11.91
N ASP D 281 -21.88 15.28 10.77
CA ASP D 281 -20.79 14.65 10.02
C ASP D 281 -19.62 15.61 10.19
N ILE D 282 -18.61 15.19 10.96
CA ILE D 282 -17.45 16.04 11.21
C ILE D 282 -16.22 15.63 10.39
N GLY D 283 -16.43 14.79 9.38
CA GLY D 283 -15.33 14.38 8.53
C GLY D 283 -14.48 13.24 9.05
N THR D 284 -13.25 13.19 8.54
CA THR D 284 -12.32 12.15 8.91
C THR D 284 -10.96 12.75 9.26
N PRO D 285 -10.10 11.97 9.93
CA PRO D 285 -8.76 12.46 10.32
C PRO D 285 -8.01 13.05 9.13
N SER D 286 -7.92 14.39 9.11
CA SER D 286 -7.23 15.10 8.03
C SER D 286 -5.84 14.54 7.77
#